data_5KX6
#
_entry.id   5KX6
#
_cell.length_a   54.224
_cell.length_b   112.957
_cell.length_c   87.824
_cell.angle_alpha   90.00
_cell.angle_beta   104.48
_cell.angle_gamma   90.00
#
_symmetry.space_group_name_H-M   'P 1 21 1'
#
loop_
_entity.id
_entity.type
_entity.pdbx_description
1 polymer 'Galactoside 2-alpha-L-fucosyltransferase'
2 non-polymer "GUANOSINE-5'-DIPHOSPHATE"
3 non-polymer GLYCEROL
4 non-polymer 1,2-ETHANEDIOL
5 non-polymer '2-(N-MORPHOLINO)-ETHANESULFONIC ACID'
6 water water
#
_entity_poly.entity_id   1
_entity_poly.type   'polypeptide(L)'
_entity_poly.pdbx_seq_one_letter_code
;GGVFPNVTNINSDKLLGGLLASGFDEDSCLSRYQSVHYRKPSPYKPSSYLISKLRNYEKLHKRCGPGTESYKKALKQLDQ
EHIDGDGECKYVVWISFSGLGNRILSLASVFLYALLTDRVLLVDRGKDMDDLFCEPFLGMSWLLPLDFPMTDQFDGLNQE
SSRCYGYMVKNQVIDTEGTLSHLYLHLVHDYGDHDKMFFCEGDQTFIGKVPWLIVKTDNYFVPSLWLIPGFDDELNKLFP
QKATVFHHLGRYLFHPTNQVWGLVTRYYEAYLSHADEKIGIQVKVFDEDPGPFQHVMDQISSCTQKEKLLPEVDTLVERS
RHVNTPKHKAVLVTSLNAGYAENLKSMYWEYPTSTGEIIGVHQPSQEGYQQTEKKMHNGKALAEMYLLSLTDNLVTSAWS
TFGYVAQGLGGLKPWILYRPENRTTPDPSCGRAMSMEPCFHSPPFYDCKAKTGIDTGTLVPHVRHCEDISWGLKLV
;
_entity_poly.pdbx_strand_id   A,B
#
# COMPACT_ATOMS: atom_id res chain seq x y z
N ASP A 13 -22.00 6.41 34.72
CA ASP A 13 -22.85 5.23 34.31
C ASP A 13 -22.04 3.92 34.19
N LYS A 14 -22.34 2.97 35.08
CA LYS A 14 -21.56 1.72 35.23
C LYS A 14 -21.78 0.66 34.13
N LEU A 15 -22.86 0.81 33.37
CA LEU A 15 -23.12 -0.02 32.20
C LEU A 15 -22.60 0.55 30.87
N LEU A 16 -21.94 1.70 30.91
CA LEU A 16 -21.14 2.21 29.79
C LEU A 16 -21.92 2.74 28.60
N GLY A 17 -22.92 3.60 28.85
CA GLY A 17 -23.85 4.07 27.80
C GLY A 17 -24.87 3.00 27.38
N GLY A 18 -24.87 1.85 28.08
CA GLY A 18 -25.66 0.65 27.76
C GLY A 18 -24.92 -0.51 27.12
N LEU A 19 -23.59 -0.41 27.09
CA LEU A 19 -22.78 -1.41 26.43
C LEU A 19 -22.87 -2.69 27.19
N LEU A 20 -22.96 -2.61 28.52
CA LEU A 20 -22.90 -3.80 29.37
C LEU A 20 -24.24 -4.17 29.92
N ALA A 21 -24.46 -5.46 30.08
CA ALA A 21 -25.76 -5.95 30.49
C ALA A 21 -25.78 -5.91 32.01
N SER A 22 -26.84 -5.38 32.58
CA SER A 22 -26.99 -5.42 34.03
C SER A 22 -27.38 -6.88 34.42
N GLY A 23 -27.20 -7.20 35.68
CA GLY A 23 -27.62 -8.48 36.24
C GLY A 23 -26.50 -9.44 36.61
N PHE A 24 -25.24 -9.22 36.18
CA PHE A 24 -24.13 -10.09 36.60
C PHE A 24 -23.91 -9.97 38.09
N ASP A 25 -23.22 -10.97 38.63
CA ASP A 25 -22.93 -11.07 40.07
C ASP A 25 -21.69 -10.22 40.41
N GLU A 26 -21.90 -9.24 41.30
CA GLU A 26 -20.90 -8.21 41.51
C GLU A 26 -19.61 -8.74 42.13
N ASP A 27 -19.71 -9.47 43.22
CA ASP A 27 -18.51 -10.03 43.88
C ASP A 27 -17.64 -11.02 43.03
N SER A 28 -18.20 -11.77 42.11
CA SER A 28 -17.33 -12.70 41.30
C SER A 28 -16.55 -12.05 40.17
N CYS A 29 -17.03 -10.89 39.69
CA CYS A 29 -16.18 -10.03 38.84
C CYS A 29 -16.25 -8.53 39.24
N LEU A 30 -15.36 -8.13 40.13
CA LEU A 30 -15.43 -6.75 40.71
C LEU A 30 -15.23 -5.71 39.62
N SER A 31 -14.33 -5.97 38.66
CA SER A 31 -13.96 -4.96 37.67
C SER A 31 -15.09 -4.51 36.78
N ARG A 32 -15.90 -5.48 36.34
CA ARG A 32 -17.03 -5.22 35.44
C ARG A 32 -17.77 -3.90 35.76
N TYR A 33 -18.25 -3.77 36.97
CA TYR A 33 -19.12 -2.66 37.32
C TYR A 33 -18.42 -1.53 38.06
N GLN A 34 -17.49 -1.87 38.95
CA GLN A 34 -16.71 -0.85 39.67
C GLN A 34 -15.43 -0.37 38.98
N SER A 35 -15.35 -0.55 37.66
CA SER A 35 -14.38 0.19 36.85
C SER A 35 -14.66 1.73 36.82
N VAL A 36 -15.93 2.16 36.98
CA VAL A 36 -16.25 3.61 36.76
C VAL A 36 -15.82 4.47 37.95
N HIS A 37 -15.44 3.79 39.03
CA HIS A 37 -14.75 4.40 40.13
C HIS A 37 -13.32 4.81 39.75
N TYR A 38 -12.74 4.18 38.75
CA TYR A 38 -11.34 4.43 38.40
C TYR A 38 -11.05 5.14 37.06
N ARG A 39 -12.02 5.17 36.14
N ARG A 39 -12.00 5.13 36.11
CA ARG A 39 -11.85 5.83 34.82
CA ARG A 39 -11.80 5.82 34.81
C ARG A 39 -12.85 6.97 34.59
C ARG A 39 -12.86 6.89 34.48
N LYS A 40 -12.40 8.00 33.87
CA LYS A 40 -13.29 9.08 33.46
C LYS A 40 -14.25 8.53 32.41
N PRO A 41 -15.53 8.98 32.43
CA PRO A 41 -16.44 8.33 31.46
C PRO A 41 -15.91 8.53 30.03
N SER A 42 -16.04 7.49 29.21
CA SER A 42 -15.56 7.53 27.83
C SER A 42 -16.35 8.56 27.07
N PRO A 43 -15.66 9.31 26.19
CA PRO A 43 -16.37 10.20 25.25
C PRO A 43 -17.27 9.48 24.18
N TYR A 44 -16.92 8.24 23.87
CA TYR A 44 -17.49 7.46 22.77
C TYR A 44 -18.71 6.73 23.28
N LYS A 45 -19.87 7.30 22.99
CA LYS A 45 -21.17 6.61 23.10
C LYS A 45 -21.25 5.52 22.06
N PRO A 46 -21.60 4.32 22.49
CA PRO A 46 -21.78 3.18 21.57
C PRO A 46 -23.11 3.32 20.96
N SER A 47 -23.25 3.06 19.66
CA SER A 47 -24.58 3.23 19.03
C SER A 47 -25.72 2.30 19.59
N SER A 48 -26.95 2.72 19.31
CA SER A 48 -28.16 1.97 19.65
C SER A 48 -28.11 0.60 18.99
N TYR A 49 -27.59 0.57 17.78
CA TYR A 49 -27.55 -0.62 16.96
C TYR A 49 -26.50 -1.62 17.48
N LEU A 50 -25.33 -1.10 17.87
CA LEU A 50 -24.33 -1.92 18.54
C LEU A 50 -24.95 -2.53 19.80
N ILE A 51 -25.68 -1.72 20.54
CA ILE A 51 -26.23 -2.20 21.79
C ILE A 51 -27.15 -3.45 21.53
N SER A 52 -28.08 -3.25 20.63
CA SER A 52 -29.06 -4.27 20.32
C SER A 52 -28.37 -5.52 19.85
N LYS A 53 -27.31 -5.29 19.05
CA LYS A 53 -26.50 -6.34 18.51
C LYS A 53 -25.92 -7.18 19.63
N LEU A 54 -25.42 -6.54 20.68
CA LEU A 54 -24.88 -7.27 21.78
C LEU A 54 -25.97 -7.95 22.57
N ARG A 55 -26.95 -7.21 23.05
CA ARG A 55 -28.10 -7.86 23.71
C ARG A 55 -28.74 -9.02 22.94
N ASN A 56 -28.81 -8.88 21.61
N ASN A 56 -28.81 -8.92 21.61
CA ASN A 56 -29.29 -9.97 20.75
CA ASN A 56 -29.29 -10.09 20.84
C ASN A 56 -28.25 -11.11 20.70
C ASN A 56 -28.22 -11.16 20.74
N TYR A 57 -26.95 -10.78 20.63
CA TYR A 57 -25.90 -11.78 20.68
C TYR A 57 -25.91 -12.64 21.95
N GLU A 58 -26.21 -12.07 23.09
CA GLU A 58 -26.32 -12.83 24.34
C GLU A 58 -27.52 -13.76 24.39
N LYS A 59 -28.55 -13.51 23.56
CA LYS A 59 -29.65 -14.46 23.44
C LYS A 59 -29.19 -15.63 22.57
N LEU A 60 -28.52 -15.34 21.46
CA LEU A 60 -27.95 -16.38 20.67
C LEU A 60 -27.04 -17.27 21.49
N HIS A 61 -26.19 -16.68 22.32
CA HIS A 61 -25.17 -17.40 23.04
C HIS A 61 -25.78 -18.23 24.13
N LYS A 62 -26.76 -17.67 24.84
CA LYS A 62 -27.51 -18.52 25.78
C LYS A 62 -28.28 -19.71 25.10
N ARG A 63 -28.81 -19.44 23.92
CA ARG A 63 -29.61 -20.41 23.20
C ARG A 63 -28.75 -21.55 22.63
N CYS A 64 -27.50 -21.24 22.28
CA CYS A 64 -26.66 -22.17 21.52
C CYS A 64 -25.40 -22.57 22.23
N GLY A 65 -25.26 -22.11 23.46
CA GLY A 65 -24.02 -22.20 24.20
C GLY A 65 -23.72 -23.53 24.81
N PRO A 66 -22.46 -23.67 25.31
CA PRO A 66 -21.94 -24.94 25.76
C PRO A 66 -22.75 -25.54 26.91
N GLY A 67 -23.19 -26.77 26.71
CA GLY A 67 -24.03 -27.44 27.67
C GLY A 67 -25.50 -27.48 27.30
N THR A 68 -25.96 -26.64 26.35
CA THR A 68 -27.38 -26.69 25.93
C THR A 68 -27.62 -27.95 25.09
N GLU A 69 -28.90 -28.29 24.90
CA GLU A 69 -29.23 -29.36 23.98
C GLU A 69 -28.90 -28.88 22.56
N SER A 70 -28.96 -27.56 22.29
CA SER A 70 -28.59 -27.16 20.93
C SER A 70 -27.09 -27.29 20.65
N TYR A 71 -26.24 -26.91 21.58
CA TYR A 71 -24.82 -27.29 21.43
C TYR A 71 -24.49 -28.84 21.30
N LYS A 72 -25.27 -29.74 21.92
CA LYS A 72 -25.00 -31.22 21.85
C LYS A 72 -25.26 -31.79 20.50
N LYS A 73 -26.42 -31.41 19.97
CA LYS A 73 -26.88 -31.79 18.65
C LYS A 73 -25.84 -31.30 17.63
N ALA A 74 -25.51 -30.01 17.69
CA ALA A 74 -24.53 -29.45 16.77
C ALA A 74 -23.16 -30.13 16.79
N LEU A 75 -22.70 -30.59 17.95
CA LEU A 75 -21.43 -31.35 18.08
C LEU A 75 -21.41 -32.69 17.31
N LYS A 76 -22.56 -33.32 17.18
CA LYS A 76 -22.66 -34.54 16.41
C LYS A 76 -22.48 -34.26 14.93
N GLN A 77 -22.88 -33.08 14.48
CA GLN A 77 -22.53 -32.60 13.13
C GLN A 77 -21.05 -32.68 12.78
N LEU A 78 -20.14 -32.60 13.73
CA LEU A 78 -18.73 -32.85 13.42
C LEU A 78 -18.43 -34.25 12.83
N ASP A 79 -19.29 -35.25 13.04
CA ASP A 79 -19.25 -36.54 12.28
C ASP A 79 -20.18 -36.54 11.04
N GLN A 80 -21.50 -36.71 11.25
CA GLN A 80 -22.50 -36.99 10.18
C GLN A 80 -22.82 -35.83 9.19
N GLU A 81 -21.86 -35.61 8.28
CA GLU A 81 -22.01 -34.84 7.03
C GLU A 81 -22.95 -35.61 6.08
N GLY A 87 -29.14 -27.94 11.89
CA GLY A 87 -28.12 -26.93 12.20
C GLY A 87 -28.62 -25.47 12.29
N GLU A 88 -29.24 -25.14 13.42
CA GLU A 88 -29.69 -23.76 13.72
C GLU A 88 -28.60 -22.93 14.37
N CYS A 89 -27.71 -23.57 15.13
CA CYS A 89 -26.56 -22.88 15.73
C CYS A 89 -25.32 -23.13 14.93
N LYS A 90 -24.56 -22.05 14.72
CA LYS A 90 -23.26 -22.11 14.11
C LYS A 90 -22.30 -21.41 15.07
N TYR A 91 -21.00 -21.64 14.84
CA TYR A 91 -19.98 -21.41 15.80
C TYR A 91 -18.72 -20.98 15.17
N VAL A 92 -18.03 -20.05 15.84
CA VAL A 92 -16.61 -19.87 15.62
C VAL A 92 -15.82 -20.15 16.86
N VAL A 93 -14.75 -20.92 16.73
CA VAL A 93 -13.93 -21.30 17.84
C VAL A 93 -12.56 -20.65 17.68
N TRP A 94 -12.31 -19.68 18.59
CA TRP A 94 -10.99 -19.13 18.84
C TRP A 94 -10.06 -20.03 19.65
N ILE A 95 -8.87 -20.21 19.10
CA ILE A 95 -7.83 -21.01 19.69
C ILE A 95 -6.86 -20.02 20.35
N SER A 96 -6.43 -20.36 21.56
CA SER A 96 -5.54 -19.55 22.39
C SER A 96 -4.15 -19.75 21.80
N PHE A 97 -3.57 -18.66 21.32
CA PHE A 97 -2.33 -18.76 20.63
C PHE A 97 -1.73 -17.36 20.71
N SER A 98 -0.42 -17.29 20.93
CA SER A 98 0.38 -16.07 20.89
C SER A 98 0.31 -15.23 22.20
N GLY A 99 1.22 -14.25 22.34
CA GLY A 99 1.22 -13.23 23.43
C GLY A 99 -0.13 -12.66 23.83
N LEU A 100 -0.26 -12.30 25.08
CA LEU A 100 -1.50 -11.76 25.60
C LEU A 100 -2.07 -10.56 24.83
N GLY A 101 -1.20 -9.67 24.39
CA GLY A 101 -1.60 -8.42 23.57
C GLY A 101 -2.29 -8.89 22.31
N ASN A 102 -1.61 -9.74 21.60
CA ASN A 102 -2.23 -10.38 20.48
C ASN A 102 -3.50 -11.15 20.72
N ARG A 103 -3.59 -11.91 21.82
CA ARG A 103 -4.78 -12.73 22.03
C ARG A 103 -5.94 -11.89 22.32
N ILE A 104 -5.78 -10.79 23.06
CA ILE A 104 -6.88 -9.84 23.22
C ILE A 104 -7.35 -9.22 21.86
N LEU A 105 -6.45 -8.81 21.00
CA LEU A 105 -6.84 -8.13 19.78
C LEU A 105 -7.49 -9.07 18.75
N SER A 106 -6.90 -10.30 18.65
CA SER A 106 -7.37 -11.32 17.70
C SER A 106 -8.74 -11.80 18.18
N LEU A 107 -8.91 -11.91 19.49
CA LEU A 107 -10.19 -12.38 20.07
C LEU A 107 -11.28 -11.32 19.81
N ALA A 108 -11.07 -10.07 20.17
CA ALA A 108 -12.06 -9.05 19.73
C ALA A 108 -12.35 -9.14 18.20
N SER A 109 -11.37 -9.51 17.41
CA SER A 109 -11.56 -9.59 16.01
C SER A 109 -12.56 -10.66 15.63
N VAL A 110 -12.43 -11.82 16.29
CA VAL A 110 -13.19 -13.02 15.95
C VAL A 110 -14.60 -12.82 16.47
N PHE A 111 -14.72 -11.99 17.48
CA PHE A 111 -16.01 -11.70 18.05
C PHE A 111 -16.75 -10.72 17.19
N LEU A 112 -16.07 -9.76 16.61
CA LEU A 112 -16.78 -8.89 15.68
C LEU A 112 -17.22 -9.79 14.57
N TYR A 113 -16.34 -10.67 14.13
CA TYR A 113 -16.66 -11.55 13.05
C TYR A 113 -17.81 -12.48 13.35
N ALA A 114 -17.87 -13.04 14.56
CA ALA A 114 -19.08 -13.74 14.93
C ALA A 114 -20.30 -12.87 14.83
N LEU A 115 -20.22 -11.59 15.21
CA LEU A 115 -21.38 -10.71 15.16
C LEU A 115 -21.90 -10.61 13.74
N LEU A 116 -20.96 -10.45 12.80
CA LEU A 116 -21.30 -10.26 11.39
C LEU A 116 -21.89 -11.40 10.68
N THR A 117 -21.79 -12.61 11.26
CA THR A 117 -22.14 -13.90 10.62
C THR A 117 -23.14 -14.74 11.47
N ASP A 118 -23.71 -14.09 12.49
CA ASP A 118 -24.68 -14.72 13.39
C ASP A 118 -24.21 -16.08 13.91
N ARG A 119 -22.96 -16.15 14.33
CA ARG A 119 -22.35 -17.30 15.01
C ARG A 119 -22.19 -17.15 16.52
N VAL A 120 -21.94 -18.29 17.17
CA VAL A 120 -21.51 -18.28 18.57
C VAL A 120 -20.01 -18.31 18.66
N LEU A 121 -19.44 -17.44 19.51
CA LEU A 121 -18.03 -17.47 19.79
C LEU A 121 -17.77 -18.37 21.00
N LEU A 122 -16.89 -19.36 20.85
CA LEU A 122 -16.33 -20.07 21.95
C LEU A 122 -14.82 -19.90 22.06
N VAL A 123 -14.33 -19.93 23.32
CA VAL A 123 -12.94 -19.57 23.61
C VAL A 123 -12.15 -20.74 24.21
N ASP A 124 -11.30 -21.37 23.40
CA ASP A 124 -10.17 -22.13 23.93
C ASP A 124 -9.58 -21.42 25.14
N ARG A 125 -9.86 -21.86 26.35
CA ARG A 125 -9.26 -21.23 27.59
C ARG A 125 -7.73 -21.39 27.63
N GLY A 126 -7.18 -22.38 26.94
CA GLY A 126 -5.73 -22.62 27.01
C GLY A 126 -5.18 -22.66 28.46
N LYS A 127 -4.06 -22.00 28.68
CA LYS A 127 -3.40 -22.07 29.97
C LYS A 127 -4.01 -21.18 31.02
N ASP A 128 -4.61 -20.08 30.61
CA ASP A 128 -4.85 -19.00 31.57
C ASP A 128 -6.03 -18.07 31.28
N MET A 129 -6.85 -18.33 30.27
CA MET A 129 -7.75 -17.22 29.83
C MET A 129 -8.80 -16.95 30.92
N ASP A 130 -9.13 -18.05 31.60
N ASP A 130 -9.26 -17.96 31.67
CA ASP A 130 -10.04 -18.27 32.70
CA ASP A 130 -10.27 -17.65 32.70
C ASP A 130 -9.68 -17.42 33.96
C ASP A 130 -9.70 -17.33 34.08
N ASP A 131 -8.37 -17.36 34.18
CA ASP A 131 -7.67 -16.67 35.27
C ASP A 131 -7.58 -15.17 35.06
N LEU A 132 -7.37 -14.80 33.81
CA LEU A 132 -7.29 -13.41 33.38
C LEU A 132 -8.65 -12.71 33.29
N PHE A 133 -9.65 -13.37 32.70
CA PHE A 133 -10.86 -12.68 32.31
C PHE A 133 -12.12 -13.24 32.96
N CYS A 134 -13.02 -12.34 33.34
CA CYS A 134 -14.32 -12.71 33.80
C CYS A 134 -15.21 -13.21 32.64
N GLU A 135 -16.44 -13.66 32.92
CA GLU A 135 -17.34 -14.15 31.80
C GLU A 135 -18.02 -12.94 31.31
N PRO A 136 -17.94 -12.63 29.96
CA PRO A 136 -18.59 -11.46 29.41
C PRO A 136 -20.01 -11.57 28.97
N PHE A 137 -20.52 -12.80 28.85
CA PHE A 137 -21.92 -13.06 28.33
C PHE A 137 -22.89 -13.46 29.41
N LEU A 138 -23.90 -12.61 29.59
CA LEU A 138 -24.79 -12.76 30.71
C LEU A 138 -25.59 -14.04 30.57
N GLY A 139 -25.58 -14.80 31.64
CA GLY A 139 -26.24 -16.14 31.76
C GLY A 139 -25.55 -17.43 31.34
N MET A 140 -24.30 -17.37 30.88
CA MET A 140 -23.75 -18.46 30.08
C MET A 140 -22.29 -18.28 29.76
N SER A 141 -21.50 -19.33 29.94
CA SER A 141 -20.05 -19.23 29.75
C SER A 141 -19.60 -19.03 28.30
N TRP A 142 -18.58 -18.20 28.07
CA TRP A 142 -17.93 -18.20 26.76
C TRP A 142 -16.91 -19.25 26.48
N LEU A 143 -16.58 -20.06 27.47
CA LEU A 143 -15.43 -20.95 27.33
C LEU A 143 -15.86 -22.21 26.59
N LEU A 144 -15.02 -22.59 25.65
CA LEU A 144 -15.05 -23.85 24.98
C LEU A 144 -14.96 -24.98 26.03
N PRO A 145 -15.79 -26.04 25.91
CA PRO A 145 -15.64 -27.11 26.89
C PRO A 145 -14.34 -27.88 26.75
N LEU A 146 -13.98 -28.52 27.86
CA LEU A 146 -12.73 -29.24 27.97
C LEU A 146 -12.78 -30.55 27.24
N ASP A 147 -13.98 -31.03 26.88
CA ASP A 147 -14.16 -32.28 26.12
C ASP A 147 -14.43 -32.05 24.64
N PHE A 148 -14.43 -30.83 24.14
CA PHE A 148 -14.67 -30.62 22.76
C PHE A 148 -13.68 -31.45 22.01
N PRO A 149 -14.21 -32.33 21.09
CA PRO A 149 -13.39 -33.40 20.48
C PRO A 149 -12.13 -32.94 19.74
N MET A 150 -12.26 -31.86 18.99
CA MET A 150 -11.11 -31.35 18.22
C MET A 150 -9.99 -30.59 18.97
N THR A 151 -10.00 -30.59 20.30
CA THR A 151 -9.00 -29.77 21.06
C THR A 151 -7.54 -30.29 20.93
N ASP A 152 -7.38 -31.58 20.82
CA ASP A 152 -6.07 -32.17 20.57
C ASP A 152 -5.38 -31.68 19.25
N GLN A 153 -6.18 -31.31 18.25
CA GLN A 153 -5.62 -30.81 16.97
C GLN A 153 -5.08 -29.37 16.98
N PHE A 154 -5.49 -28.51 17.93
CA PHE A 154 -5.19 -27.10 17.86
C PHE A 154 -3.71 -26.79 17.77
N ASP A 155 -2.83 -27.49 18.49
CA ASP A 155 -1.43 -27.14 18.32
C ASP A 155 -1.05 -27.29 16.87
N GLY A 156 -1.44 -28.40 16.31
CA GLY A 156 -0.96 -28.83 15.02
C GLY A 156 -1.58 -28.11 13.85
N LEU A 157 -2.87 -27.77 13.94
CA LEU A 157 -3.54 -27.05 12.84
C LEU A 157 -2.64 -25.88 12.39
N ASN A 158 -2.35 -25.85 11.09
CA ASN A 158 -1.61 -24.78 10.40
C ASN A 158 -2.05 -24.70 8.92
N GLN A 159 -1.25 -24.05 8.08
CA GLN A 159 -1.51 -23.86 6.63
C GLN A 159 -1.65 -25.15 5.78
N GLU A 160 -1.01 -26.24 6.20
CA GLU A 160 -0.98 -27.52 5.45
C GLU A 160 -1.93 -28.62 6.00
N SER A 161 -2.73 -28.30 7.01
CA SER A 161 -3.70 -29.25 7.57
C SER A 161 -4.81 -29.46 6.57
N SER A 162 -5.34 -30.70 6.49
CA SER A 162 -6.37 -31.10 5.47
C SER A 162 -7.60 -30.18 5.36
N ARG A 163 -8.21 -29.89 6.51
N ARG A 163 -8.22 -29.89 6.51
CA ARG A 163 -9.37 -28.96 6.59
CA ARG A 163 -9.37 -28.95 6.58
C ARG A 163 -9.02 -27.48 6.71
C ARG A 163 -9.02 -27.47 6.70
N CYS A 164 -7.81 -27.08 6.31
CA CYS A 164 -7.44 -25.65 6.30
C CYS A 164 -8.09 -25.09 5.04
N TYR A 165 -8.88 -24.04 5.21
CA TYR A 165 -9.54 -23.42 4.05
C TYR A 165 -8.57 -23.09 2.90
N GLY A 166 -7.40 -22.57 3.25
CA GLY A 166 -6.37 -22.15 2.29
C GLY A 166 -5.65 -23.29 1.60
N TYR A 167 -5.56 -24.42 2.26
CA TYR A 167 -4.96 -25.60 1.64
C TYR A 167 -5.91 -26.19 0.55
N MET A 168 -7.21 -26.15 0.87
CA MET A 168 -8.31 -26.52 -0.01
C MET A 168 -8.50 -25.61 -1.25
N VAL A 169 -8.49 -24.31 -1.10
CA VAL A 169 -8.56 -23.39 -2.26
C VAL A 169 -7.31 -23.60 -3.15
N LYS A 170 -6.13 -23.71 -2.51
CA LYS A 170 -4.86 -23.97 -3.22
C LYS A 170 -4.94 -25.18 -4.12
N ASN A 171 -5.55 -26.25 -3.58
CA ASN A 171 -5.62 -27.59 -4.20
C ASN A 171 -7.05 -27.98 -4.71
N GLN A 172 -7.80 -26.98 -5.18
CA GLN A 172 -9.25 -27.05 -5.54
C GLN A 172 -10.07 -28.30 -5.07
N VAL A 173 -10.82 -28.15 -3.98
CA VAL A 173 -11.62 -29.22 -3.40
C VAL A 173 -13.11 -28.81 -3.27
N THR A 179 -20.34 -31.36 1.49
CA THR A 179 -20.18 -29.99 2.04
C THR A 179 -19.82 -30.12 3.56
N LEU A 180 -19.06 -29.13 4.06
CA LEU A 180 -18.20 -29.34 5.21
C LEU A 180 -18.91 -29.09 6.53
N SER A 181 -18.54 -29.88 7.52
CA SER A 181 -19.01 -29.73 8.89
C SER A 181 -18.12 -28.82 9.70
N HIS A 182 -16.86 -28.76 9.29
CA HIS A 182 -15.93 -27.95 9.94
C HIS A 182 -14.78 -27.56 9.02
N LEU A 183 -14.33 -26.28 9.21
CA LEU A 183 -13.25 -25.66 8.47
C LEU A 183 -12.28 -25.02 9.44
N TYR A 184 -10.99 -25.22 9.20
CA TYR A 184 -9.94 -24.49 9.91
C TYR A 184 -9.54 -23.25 9.05
N LEU A 185 -9.43 -22.09 9.69
CA LEU A 185 -9.06 -20.82 9.03
C LEU A 185 -7.75 -20.30 9.62
N HIS A 186 -6.70 -20.38 8.81
CA HIS A 186 -5.36 -19.98 9.23
C HIS A 186 -5.18 -18.48 8.94
N LEU A 187 -5.25 -17.68 10.00
CA LEU A 187 -5.19 -16.22 9.99
C LEU A 187 -4.04 -15.69 10.89
N VAL A 188 -2.95 -16.44 10.87
CA VAL A 188 -1.74 -16.16 11.62
C VAL A 188 -0.91 -15.32 10.68
N HIS A 189 -0.02 -14.51 11.24
CA HIS A 189 0.76 -13.53 10.40
C HIS A 189 1.49 -14.15 9.21
N ASP A 190 1.87 -15.41 9.28
CA ASP A 190 2.60 -16.04 8.12
C ASP A 190 1.67 -16.67 7.02
N TYR A 191 0.35 -16.57 7.23
CA TYR A 191 -0.64 -16.89 6.24
C TYR A 191 -0.40 -16.41 4.81
N GLY A 192 -0.88 -17.20 3.84
CA GLY A 192 -0.54 -17.01 2.43
C GLY A 192 -1.61 -16.39 1.55
N ASP A 193 -1.34 -16.45 0.26
CA ASP A 193 -2.24 -15.87 -0.69
C ASP A 193 -3.64 -16.52 -0.61
N HIS A 194 -3.70 -17.81 -0.37
CA HIS A 194 -5.00 -18.52 -0.33
C HIS A 194 -5.71 -18.45 1.00
N ASP A 195 -4.95 -18.40 2.07
CA ASP A 195 -5.53 -18.17 3.39
C ASP A 195 -6.25 -16.82 3.43
N LYS A 196 -5.64 -15.86 2.77
CA LYS A 196 -6.17 -14.51 2.74
C LYS A 196 -7.50 -14.33 2.06
N MET A 197 -7.86 -15.25 1.15
CA MET A 197 -9.18 -15.27 0.51
C MET A 197 -10.34 -15.27 1.47
N PHE A 198 -10.10 -15.63 2.72
CA PHE A 198 -11.02 -15.35 3.82
C PHE A 198 -11.56 -13.92 3.74
N PHE A 199 -10.75 -12.98 3.28
CA PHE A 199 -11.26 -11.60 3.31
C PHE A 199 -12.07 -11.22 2.04
N CYS A 200 -12.57 -12.22 1.30
CA CYS A 200 -13.39 -11.97 0.08
C CYS A 200 -14.86 -12.39 0.28
N GLU A 201 -15.76 -11.73 -0.47
CA GLU A 201 -17.24 -11.88 -0.36
C GLU A 201 -17.60 -13.28 -0.79
N GLY A 202 -17.05 -13.66 -1.95
CA GLY A 202 -17.25 -15.03 -2.52
C GLY A 202 -17.03 -16.19 -1.52
N ASP A 203 -15.85 -16.24 -0.91
CA ASP A 203 -15.41 -17.32 0.01
C ASP A 203 -16.16 -17.22 1.32
N GLN A 204 -16.51 -16.00 1.72
CA GLN A 204 -17.43 -15.79 2.85
C GLN A 204 -18.81 -16.40 2.65
N THR A 205 -19.35 -16.27 1.45
CA THR A 205 -20.60 -16.96 1.07
C THR A 205 -20.49 -18.47 1.27
N PHE A 206 -19.36 -19.01 0.81
CA PHE A 206 -19.04 -20.42 1.04
C PHE A 206 -18.95 -20.78 2.53
N ILE A 207 -17.96 -20.18 3.22
CA ILE A 207 -17.72 -20.31 4.67
C ILE A 207 -19.01 -20.12 5.48
N GLY A 208 -19.84 -19.14 5.08
CA GLY A 208 -21.21 -18.91 5.66
C GLY A 208 -22.06 -20.15 5.98
N LYS A 209 -21.85 -21.18 5.17
CA LYS A 209 -22.60 -22.44 5.28
C LYS A 209 -22.03 -23.45 6.30
N VAL A 210 -20.75 -23.33 6.61
CA VAL A 210 -20.09 -24.30 7.48
C VAL A 210 -20.52 -24.04 8.95
N PRO A 211 -21.13 -25.04 9.61
CA PRO A 211 -21.49 -24.84 11.04
C PRO A 211 -20.32 -24.61 12.08
N TRP A 212 -19.14 -25.19 11.80
CA TRP A 212 -18.02 -25.11 12.73
C TRP A 212 -16.80 -24.49 12.07
N LEU A 213 -16.31 -23.44 12.72
CA LEU A 213 -15.14 -22.72 12.26
C LEU A 213 -14.12 -22.72 13.41
N ILE A 214 -12.94 -23.25 13.15
CA ILE A 214 -11.85 -23.15 14.09
C ILE A 214 -10.88 -22.11 13.55
N VAL A 215 -10.64 -21.06 14.31
CA VAL A 215 -9.64 -20.10 13.95
C VAL A 215 -8.45 -20.05 14.93
N LYS A 216 -7.25 -19.86 14.35
CA LYS A 216 -6.00 -19.57 15.06
C LYS A 216 -5.47 -18.34 14.38
N THR A 217 -5.17 -17.30 15.18
CA THR A 217 -4.85 -15.96 14.69
C THR A 217 -4.17 -15.01 15.74
N ASP A 218 -3.19 -14.28 15.27
CA ASP A 218 -2.44 -13.43 16.11
C ASP A 218 -2.52 -11.89 15.72
N ASN A 219 -3.47 -11.48 14.86
CA ASN A 219 -3.59 -10.12 14.37
C ASN A 219 -4.97 -9.51 14.71
N TYR A 220 -4.96 -8.18 14.76
CA TYR A 220 -6.20 -7.41 14.79
C TYR A 220 -6.72 -7.28 13.38
N PHE A 221 -7.45 -8.29 12.93
CA PHE A 221 -7.93 -8.30 11.53
C PHE A 221 -9.21 -7.46 11.21
N VAL A 222 -9.72 -6.69 12.16
CA VAL A 222 -10.93 -5.91 11.96
C VAL A 222 -10.92 -5.03 10.69
N PRO A 223 -9.80 -4.38 10.30
CA PRO A 223 -10.05 -3.39 9.20
C PRO A 223 -10.40 -3.95 7.85
N SER A 224 -9.92 -5.14 7.56
CA SER A 224 -10.21 -5.77 6.32
C SER A 224 -11.65 -6.21 6.28
N LEU A 225 -12.34 -6.27 7.41
CA LEU A 225 -13.74 -6.68 7.34
C LEU A 225 -14.61 -5.56 6.74
N TRP A 226 -14.17 -4.30 6.89
CA TRP A 226 -14.85 -3.13 6.38
C TRP A 226 -14.78 -3.11 4.87
N LEU A 227 -13.76 -3.73 4.29
CA LEU A 227 -13.64 -3.74 2.85
C LEU A 227 -14.47 -4.88 2.21
N ILE A 228 -15.02 -5.78 3.01
CA ILE A 228 -15.86 -6.87 2.45
C ILE A 228 -17.27 -6.31 2.28
N PRO A 229 -17.86 -6.45 1.10
CA PRO A 229 -19.17 -5.81 0.91
C PRO A 229 -20.31 -6.64 1.46
N GLY A 230 -21.35 -6.01 2.03
CA GLY A 230 -22.32 -6.66 2.94
C GLY A 230 -21.93 -6.39 4.39
N PHE A 231 -20.76 -6.94 4.76
CA PHE A 231 -20.13 -6.63 6.04
C PHE A 231 -20.06 -5.12 6.25
N ASP A 232 -19.69 -4.39 5.22
CA ASP A 232 -19.44 -2.94 5.37
C ASP A 232 -20.68 -2.07 5.69
N ASP A 233 -21.84 -2.48 5.19
CA ASP A 233 -23.08 -1.84 5.56
C ASP A 233 -23.35 -1.99 7.06
N GLU A 234 -23.30 -3.22 7.54
CA GLU A 234 -23.63 -3.53 8.92
C GLU A 234 -22.58 -2.89 9.86
N LEU A 235 -21.33 -2.82 9.40
CA LEU A 235 -20.25 -2.23 10.17
C LEU A 235 -20.42 -0.75 10.30
N ASN A 236 -20.96 -0.09 9.26
CA ASN A 236 -21.38 1.32 9.33
C ASN A 236 -22.54 1.63 10.27
N LYS A 237 -23.51 0.73 10.27
N LYS A 237 -23.51 0.72 10.27
CA LYS A 237 -24.69 0.83 11.10
CA LYS A 237 -24.69 0.78 11.12
C LYS A 237 -24.29 0.63 12.59
C LYS A 237 -24.30 0.62 12.60
N LEU A 238 -23.43 -0.36 12.87
CA LEU A 238 -22.93 -0.69 14.26
C LEU A 238 -22.00 0.33 14.85
N PHE A 239 -21.17 0.92 14.00
CA PHE A 239 -20.18 1.90 14.38
C PHE A 239 -20.19 3.22 13.54
N PRO A 240 -21.18 4.11 13.75
CA PRO A 240 -21.21 5.41 13.08
C PRO A 240 -19.87 6.18 13.19
N GLN A 241 -19.24 6.11 14.37
CA GLN A 241 -17.88 6.59 14.59
C GLN A 241 -17.04 5.30 14.36
N LYS A 242 -16.46 5.21 13.16
CA LYS A 242 -15.84 3.95 12.67
C LYS A 242 -14.67 3.45 13.48
N ALA A 243 -13.92 4.38 14.05
CA ALA A 243 -12.71 4.04 14.79
C ALA A 243 -12.99 3.64 16.25
N THR A 244 -14.19 3.19 16.58
CA THR A 244 -14.53 2.80 17.93
C THR A 244 -14.66 1.27 18.10
N VAL A 245 -14.34 0.54 17.06
CA VAL A 245 -14.58 -0.89 17.09
C VAL A 245 -13.96 -1.55 18.30
N PHE A 246 -12.63 -1.47 18.47
CA PHE A 246 -11.99 -2.15 19.64
C PHE A 246 -12.31 -1.42 20.95
N HIS A 247 -12.49 -0.13 20.90
CA HIS A 247 -12.96 0.59 22.12
C HIS A 247 -14.25 0.04 22.72
N HIS A 248 -15.29 -0.06 21.92
CA HIS A 248 -16.51 -0.74 22.43
C HIS A 248 -16.32 -2.23 22.61
N LEU A 249 -15.72 -2.90 21.63
CA LEU A 249 -15.74 -4.43 21.73
C LEU A 249 -14.83 -4.90 22.87
N GLY A 250 -13.71 -4.22 23.06
CA GLY A 250 -12.80 -4.48 24.16
C GLY A 250 -13.43 -4.29 25.52
N ARG A 251 -14.08 -3.19 25.70
CA ARG A 251 -14.62 -2.90 27.02
C ARG A 251 -15.80 -3.86 27.27
N TYR A 252 -16.49 -4.28 26.21
CA TYR A 252 -17.60 -5.28 26.36
C TYR A 252 -17.09 -6.65 26.84
N LEU A 253 -16.08 -7.14 26.16
CA LEU A 253 -15.66 -8.51 26.26
C LEU A 253 -14.73 -8.82 27.41
N PHE A 254 -13.83 -7.87 27.72
CA PHE A 254 -12.69 -8.14 28.57
C PHE A 254 -12.71 -7.42 29.92
N HIS A 255 -13.01 -8.21 30.96
CA HIS A 255 -12.99 -7.70 32.31
C HIS A 255 -12.05 -8.49 33.10
N PRO A 256 -11.12 -7.82 33.78
CA PRO A 256 -10.20 -8.57 34.62
C PRO A 256 -10.81 -9.22 35.86
N THR A 257 -10.30 -10.39 36.18
CA THR A 257 -10.73 -11.14 37.38
C THR A 257 -10.34 -10.39 38.62
N ASN A 258 -10.98 -10.72 39.73
CA ASN A 258 -10.64 -10.20 41.06
C ASN A 258 -9.09 -10.19 41.37
N GLN A 259 -8.43 -11.29 41.12
CA GLN A 259 -6.99 -11.40 41.24
C GLN A 259 -6.27 -10.33 40.54
N VAL A 260 -6.52 -10.16 39.25
CA VAL A 260 -5.89 -9.08 38.45
C VAL A 260 -6.39 -7.70 38.76
N TRP A 261 -7.68 -7.61 39.01
CA TRP A 261 -8.28 -6.32 39.32
C TRP A 261 -7.63 -5.67 40.57
N GLY A 262 -7.34 -6.48 41.57
CA GLY A 262 -6.70 -5.97 42.74
C GLY A 262 -5.31 -5.45 42.55
N LEU A 263 -4.59 -6.02 41.59
CA LEU A 263 -3.31 -5.43 41.22
C LEU A 263 -3.49 -4.03 40.63
N VAL A 264 -4.56 -3.85 39.90
CA VAL A 264 -4.87 -2.58 39.31
C VAL A 264 -5.26 -1.59 40.42
N THR A 265 -6.24 -1.98 41.22
CA THR A 265 -6.74 -1.05 42.21
C THR A 265 -5.66 -0.59 43.21
N ARG A 266 -4.76 -1.49 43.59
CA ARG A 266 -3.81 -1.26 44.62
C ARG A 266 -2.65 -0.45 44.10
N TYR A 267 -2.26 -0.64 42.86
CA TYR A 267 -1.25 0.27 42.30
C TYR A 267 -1.83 1.64 42.08
N TYR A 268 -3.06 1.67 41.60
CA TYR A 268 -3.67 2.98 41.21
C TYR A 268 -3.82 3.79 42.52
N GLU A 269 -4.40 3.12 43.50
N GLU A 269 -4.34 3.11 43.52
CA GLU A 269 -4.62 3.68 44.82
CA GLU A 269 -4.60 3.72 44.80
C GLU A 269 -3.35 4.16 45.53
C GLU A 269 -3.36 4.15 45.56
N ALA A 270 -2.26 3.44 45.40
CA ALA A 270 -1.08 3.73 46.19
C ALA A 270 -0.21 4.76 45.54
N TYR A 271 -0.16 4.73 44.23
CA TYR A 271 0.75 5.56 43.49
C TYR A 271 0.12 6.57 42.57
N LEU A 272 -1.17 6.55 42.24
CA LEU A 272 -1.61 7.45 41.16
C LEU A 272 -2.85 8.31 41.36
N SER A 273 -3.61 8.10 42.41
CA SER A 273 -4.86 8.74 42.59
C SER A 273 -4.71 10.21 43.07
N HIS A 274 -3.49 10.67 43.38
CA HIS A 274 -3.32 12.01 43.88
C HIS A 274 -2.69 12.98 42.84
N ALA A 275 -2.74 12.60 41.56
CA ALA A 275 -2.27 13.46 40.51
C ALA A 275 -3.44 14.20 39.87
N ASP A 276 -3.18 15.43 39.46
CA ASP A 276 -4.17 16.20 38.70
C ASP A 276 -4.26 15.62 37.26
N GLU A 277 -3.15 15.07 36.78
CA GLU A 277 -3.09 14.49 35.49
C GLU A 277 -2.25 13.25 35.61
N LYS A 278 -2.59 12.17 34.88
CA LYS A 278 -1.69 11.07 34.65
C LYS A 278 -1.19 10.92 33.20
N ILE A 279 0.12 10.74 33.04
CA ILE A 279 0.75 10.36 31.78
C ILE A 279 1.11 8.87 31.81
N GLY A 280 0.80 8.15 30.74
CA GLY A 280 1.19 6.77 30.53
C GLY A 280 2.29 6.81 29.53
N ILE A 281 3.28 5.95 29.71
CA ILE A 281 4.38 5.76 28.74
C ILE A 281 4.64 4.25 28.69
N GLN A 282 4.25 3.65 27.57
CA GLN A 282 4.37 2.19 27.26
C GLN A 282 5.61 1.96 26.40
N VAL A 283 6.64 1.44 27.04
CA VAL A 283 7.90 1.20 26.41
C VAL A 283 8.02 -0.31 26.06
N LYS A 284 8.19 -0.51 24.76
CA LYS A 284 8.64 -1.77 24.21
C LYS A 284 9.83 -1.45 23.28
N VAL A 285 10.90 -2.23 23.37
CA VAL A 285 12.04 -2.06 22.52
C VAL A 285 12.24 -3.37 21.77
N PHE A 286 12.25 -3.33 20.44
CA PHE A 286 12.38 -4.58 19.63
C PHE A 286 13.87 -4.88 19.33
N ASP A 287 14.51 -5.56 20.29
CA ASP A 287 15.93 -5.90 20.22
C ASP A 287 16.17 -7.12 21.14
N GLU A 288 17.17 -7.97 20.84
CA GLU A 288 17.51 -9.14 21.70
C GLU A 288 18.52 -8.82 22.88
N ASP A 289 18.98 -7.56 22.99
CA ASP A 289 19.67 -7.02 24.18
C ASP A 289 18.62 -6.25 25.01
N PRO A 290 18.45 -6.60 26.30
CA PRO A 290 17.47 -5.84 27.10
C PRO A 290 17.73 -4.32 27.28
N GLY A 291 18.92 -3.84 26.93
CA GLY A 291 19.31 -2.47 27.12
C GLY A 291 19.63 -2.19 28.58
N PRO A 292 19.24 -1.01 29.09
CA PRO A 292 18.47 0.01 28.35
C PRO A 292 19.32 0.80 27.31
N PHE A 293 18.67 1.57 26.44
CA PHE A 293 19.38 2.28 25.39
C PHE A 293 19.24 3.76 25.60
N GLN A 294 20.33 4.48 25.38
CA GLN A 294 20.33 5.92 25.54
C GLN A 294 19.40 6.53 24.47
N HIS A 295 19.49 6.02 23.22
CA HIS A 295 18.65 6.54 22.13
C HIS A 295 17.15 6.56 22.46
N VAL A 296 16.72 5.56 23.22
CA VAL A 296 15.33 5.37 23.51
C VAL A 296 14.98 6.30 24.67
N MET A 297 15.81 6.35 25.75
CA MET A 297 15.62 7.40 26.86
C MET A 297 15.50 8.78 26.25
N ASP A 298 16.48 9.14 25.44
CA ASP A 298 16.51 10.39 24.65
C ASP A 298 15.26 10.63 23.88
N GLN A 299 14.79 9.60 23.18
CA GLN A 299 13.49 9.60 22.50
C GLN A 299 12.29 9.88 23.39
N ILE A 300 12.24 9.29 24.57
CA ILE A 300 11.14 9.48 25.51
C ILE A 300 11.08 10.88 26.13
N SER A 301 12.23 11.45 26.48
CA SER A 301 12.18 12.80 27.00
C SER A 301 11.83 13.83 25.89
N SER A 302 12.37 13.64 24.69
N SER A 302 12.37 13.62 24.69
CA SER A 302 12.10 14.57 23.60
CA SER A 302 12.12 14.53 23.56
C SER A 302 10.64 14.46 23.23
C SER A 302 10.64 14.45 23.23
N CYS A 303 10.11 13.23 23.21
CA CYS A 303 8.73 13.05 22.96
C CYS A 303 7.87 13.75 23.98
N THR A 304 8.06 13.42 25.23
CA THR A 304 7.22 14.02 26.27
C THR A 304 7.40 15.54 26.36
N GLN A 305 8.62 16.04 26.26
CA GLN A 305 8.81 17.49 26.33
C GLN A 305 8.29 18.29 25.09
N LYS A 306 8.58 17.76 23.90
N LYS A 306 8.60 17.74 23.91
CA LYS A 306 8.21 18.46 22.69
CA LYS A 306 8.24 18.35 22.65
C LYS A 306 6.70 18.51 22.55
C LYS A 306 6.72 18.47 22.53
N GLU A 307 5.96 17.59 23.22
CA GLU A 307 4.50 17.65 23.20
C GLU A 307 3.85 18.29 24.38
N LYS A 308 4.60 18.97 25.23
CA LYS A 308 4.05 19.57 26.45
C LYS A 308 3.27 18.51 27.29
N LEU A 309 3.67 17.23 27.19
CA LEU A 309 3.06 16.16 28.01
C LEU A 309 3.69 16.15 29.38
N LEU A 310 5.02 16.22 29.40
CA LEU A 310 5.81 16.46 30.61
C LEU A 310 6.65 17.70 30.48
N PRO A 311 6.90 18.42 31.59
CA PRO A 311 7.65 19.69 31.47
C PRO A 311 9.16 19.55 31.30
N GLU A 312 9.83 20.57 30.83
CA GLU A 312 11.31 20.57 30.79
C GLU A 312 11.90 20.75 32.20
N VAL A 313 13.20 20.54 32.34
CA VAL A 313 13.86 20.87 33.60
C VAL A 313 14.93 21.96 33.43
N ASP A 314 15.15 22.70 34.52
CA ASP A 314 16.12 23.78 34.52
C ASP A 314 17.43 23.28 35.12
N THR A 315 18.55 23.50 34.41
CA THR A 315 19.91 23.29 34.94
C THR A 315 20.30 24.40 35.91
N LEU A 316 20.55 25.60 35.38
CA LEU A 316 20.90 26.76 36.19
C LEU A 316 19.61 27.50 36.54
N VAL A 317 19.15 27.33 37.78
CA VAL A 317 17.87 27.91 38.24
C VAL A 317 17.93 29.42 38.46
N THR A 325 0.76 27.76 42.70
CA THR A 325 -0.44 26.93 42.91
C THR A 325 -0.42 25.65 42.03
N PRO A 326 0.67 24.84 42.16
CA PRO A 326 1.20 23.95 41.08
C PRO A 326 0.37 22.71 40.89
N LYS A 327 0.46 22.07 39.72
CA LYS A 327 -0.22 20.79 39.54
C LYS A 327 0.73 19.62 39.66
N HIS A 328 0.15 18.51 40.11
CA HIS A 328 0.87 17.24 40.29
C HIS A 328 0.59 16.41 39.07
N LYS A 329 1.61 16.00 38.34
CA LYS A 329 1.50 14.89 37.37
C LYS A 329 2.16 13.66 37.92
N ALA A 330 1.55 12.48 37.72
CA ALA A 330 2.15 11.22 37.92
C ALA A 330 2.31 10.50 36.51
N VAL A 331 3.53 9.96 36.29
CA VAL A 331 3.93 9.28 35.08
C VAL A 331 3.97 7.81 35.44
N LEU A 332 3.20 7.03 34.72
CA LEU A 332 3.23 5.61 34.82
C LEU A 332 4.04 5.11 33.64
N VAL A 333 5.12 4.39 33.97
CA VAL A 333 6.01 3.88 32.93
C VAL A 333 5.94 2.35 32.95
N THR A 334 5.40 1.71 31.93
CA THR A 334 5.45 0.22 31.90
C THR A 334 6.51 -0.20 30.88
N SER A 335 7.33 -1.13 31.28
CA SER A 335 8.46 -1.60 30.48
C SER A 335 9.05 -2.86 31.13
N LEU A 336 9.88 -3.55 30.34
CA LEU A 336 10.62 -4.70 30.82
C LEU A 336 11.95 -4.29 31.49
N ASN A 337 12.84 -3.52 30.88
CA ASN A 337 13.90 -2.86 31.66
C ASN A 337 13.30 -1.65 32.41
N ALA A 338 13.78 -1.51 33.66
CA ALA A 338 13.39 -0.40 34.61
C ALA A 338 14.07 0.98 34.44
N GLY A 339 15.16 1.05 33.68
CA GLY A 339 15.97 2.26 33.60
C GLY A 339 15.43 3.33 32.67
N TYR A 340 14.27 3.13 32.10
CA TYR A 340 13.60 4.23 31.41
C TYR A 340 12.91 5.04 32.50
N ALA A 341 12.16 4.39 33.37
CA ALA A 341 11.57 5.05 34.51
C ALA A 341 12.57 5.66 35.49
N GLU A 342 13.72 5.02 35.75
CA GLU A 342 14.74 5.60 36.65
C GLU A 342 15.33 6.90 36.13
N ASN A 343 15.75 6.86 34.88
CA ASN A 343 16.18 8.05 34.23
C ASN A 343 15.19 9.15 34.42
N LEU A 344 13.91 8.96 34.11
CA LEU A 344 12.97 10.09 34.26
C LEU A 344 12.80 10.49 35.70
N LYS A 345 12.70 9.49 36.54
CA LYS A 345 12.60 9.67 37.99
C LYS A 345 13.76 10.48 38.58
N SER A 346 14.97 10.19 38.15
CA SER A 346 16.12 10.86 38.67
C SER A 346 16.26 12.25 38.06
N MET A 347 15.88 12.43 36.79
CA MET A 347 15.86 13.76 36.21
C MET A 347 14.93 14.72 36.99
N TYR A 348 13.74 14.24 37.27
CA TYR A 348 12.73 15.04 37.93
C TYR A 348 12.97 15.13 39.48
N TRP A 349 13.85 14.31 40.04
CA TRP A 349 14.23 14.47 41.41
C TRP A 349 15.38 15.45 41.44
N GLU A 350 16.38 15.17 40.61
CA GLU A 350 17.55 16.03 40.56
C GLU A 350 17.37 17.51 40.14
N TYR A 351 16.37 17.80 39.33
CA TYR A 351 16.20 19.13 38.72
C TYR A 351 14.78 19.64 38.84
N PRO A 352 14.59 20.92 39.17
CA PRO A 352 13.21 21.46 39.23
C PRO A 352 12.66 21.67 37.81
N THR A 353 11.33 21.51 37.69
CA THR A 353 10.62 21.69 36.48
C THR A 353 10.59 23.17 36.17
N SER A 354 10.73 23.48 34.87
CA SER A 354 10.54 24.86 34.33
C SER A 354 9.22 25.45 34.68
N THR A 355 8.17 24.63 34.73
CA THR A 355 6.84 25.18 35.01
C THR A 355 6.46 25.21 36.52
N GLY A 356 7.28 24.60 37.36
CA GLY A 356 6.91 24.36 38.73
C GLY A 356 5.94 23.23 38.96
N GLU A 357 5.67 22.41 37.92
CA GLU A 357 4.80 21.27 38.08
C GLU A 357 5.54 20.24 38.94
N ILE A 358 4.76 19.46 39.66
CA ILE A 358 5.26 18.44 40.61
C ILE A 358 5.17 17.10 39.85
N ILE A 359 6.32 16.54 39.47
CA ILE A 359 6.31 15.28 38.77
C ILE A 359 6.77 14.13 39.71
N GLY A 360 6.04 13.02 39.61
CA GLY A 360 6.39 11.74 40.15
C GLY A 360 6.29 10.67 39.06
N VAL A 361 7.37 9.89 38.87
CA VAL A 361 7.51 8.75 37.94
C VAL A 361 7.38 7.45 38.72
N HIS A 362 6.86 6.36 38.09
CA HIS A 362 6.34 5.19 38.77
C HIS A 362 6.28 4.02 37.80
N GLN A 363 7.00 2.95 38.10
CA GLN A 363 7.01 1.83 37.23
C GLN A 363 6.57 0.67 38.11
N PRO A 364 5.62 -0.18 37.67
CA PRO A 364 5.23 -1.29 38.53
C PRO A 364 6.24 -2.39 38.63
N SER A 365 6.63 -2.90 37.46
CA SER A 365 7.33 -4.17 37.33
C SER A 365 8.49 -3.93 36.41
N GLN A 366 9.51 -4.80 36.49
CA GLN A 366 10.56 -4.94 35.48
C GLN A 366 10.75 -6.46 35.29
N GLU A 367 10.01 -7.06 34.34
CA GLU A 367 9.99 -8.54 34.19
C GLU A 367 11.23 -9.14 33.50
N GLY A 368 11.90 -8.32 32.68
CA GLY A 368 13.14 -8.74 32.02
C GLY A 368 12.90 -9.73 30.90
N MET A 376 1.57 -15.49 37.74
CA MET A 376 1.38 -14.03 38.05
C MET A 376 2.00 -12.98 37.06
N HIS A 377 2.71 -13.48 36.05
CA HIS A 377 3.33 -12.77 34.92
C HIS A 377 2.36 -12.01 34.02
N ASN A 378 1.38 -12.78 33.53
CA ASN A 378 0.32 -12.40 32.61
C ASN A 378 -0.80 -11.77 33.32
N GLY A 379 -0.96 -12.04 34.59
CA GLY A 379 -1.84 -11.29 35.46
C GLY A 379 -1.29 -9.90 35.61
N LYS A 380 0.05 -9.80 35.67
CA LYS A 380 0.74 -8.54 35.78
C LYS A 380 0.70 -7.74 34.47
N ALA A 381 0.92 -8.42 33.37
CA ALA A 381 1.06 -7.72 32.16
C ALA A 381 -0.31 -7.18 31.84
N LEU A 382 -1.33 -7.99 32.18
CA LEU A 382 -2.71 -7.54 32.06
C LEU A 382 -3.07 -6.29 32.87
N ALA A 383 -2.89 -6.35 34.19
CA ALA A 383 -3.04 -5.14 35.05
C ALA A 383 -2.35 -3.90 34.55
N GLU A 384 -1.15 -4.05 34.00
CA GLU A 384 -0.37 -2.90 33.56
C GLU A 384 -1.02 -2.23 32.35
N MET A 385 -1.60 -3.01 31.43
CA MET A 385 -2.40 -2.55 30.34
C MET A 385 -3.59 -1.73 30.76
N TYR A 386 -4.31 -2.27 31.74
N TYR A 386 -4.31 -2.27 31.74
CA TYR A 386 -5.47 -1.63 32.27
CA TYR A 386 -5.49 -1.63 32.28
C TYR A 386 -5.05 -0.34 32.94
C TYR A 386 -5.10 -0.36 33.02
N LEU A 387 -3.91 -0.36 33.63
CA LEU A 387 -3.35 0.83 34.31
C LEU A 387 -2.99 1.87 33.29
N LEU A 388 -2.26 1.45 32.29
CA LEU A 388 -2.01 2.37 31.18
C LEU A 388 -3.30 3.03 30.68
N SER A 389 -4.34 2.22 30.55
CA SER A 389 -5.61 2.69 30.06
C SER A 389 -6.31 3.71 30.92
N LEU A 390 -5.94 3.85 32.19
CA LEU A 390 -6.49 4.91 33.10
C LEU A 390 -5.80 6.27 33.07
N THR A 391 -4.77 6.41 32.23
CA THR A 391 -4.08 7.65 32.17
C THR A 391 -4.89 8.59 31.26
N ASP A 392 -4.63 9.90 31.42
CA ASP A 392 -5.20 10.99 30.60
C ASP A 392 -4.55 11.22 29.21
N ASN A 393 -3.25 10.95 29.11
CA ASN A 393 -2.50 10.98 27.90
C ASN A 393 -1.54 9.81 27.90
N LEU A 394 -1.52 9.05 26.80
CA LEU A 394 -0.69 7.91 26.63
C LEU A 394 0.32 8.06 25.52
N VAL A 395 1.54 7.62 25.81
CA VAL A 395 2.62 7.47 24.81
C VAL A 395 2.75 5.91 24.63
N THR A 396 2.93 5.42 23.39
CA THR A 396 2.92 3.99 23.05
C THR A 396 4.19 3.78 22.29
N SER A 397 4.72 2.56 22.24
CA SER A 397 5.85 2.25 21.34
C SER A 397 5.29 1.64 20.02
N ALA A 398 5.93 2.02 18.93
CA ALA A 398 5.61 1.56 17.58
C ALA A 398 5.61 0.03 17.55
N TRP A 399 4.56 -0.51 16.96
CA TRP A 399 4.43 -1.98 16.66
C TRP A 399 3.88 -2.78 17.85
N SER A 400 3.75 -2.18 19.06
CA SER A 400 3.46 -2.97 20.28
C SER A 400 2.00 -3.28 20.43
N THR A 401 1.60 -4.50 20.43
CA THR A 401 0.18 -4.74 20.70
C THR A 401 -0.23 -4.45 22.12
N PHE A 402 0.78 -4.33 22.97
CA PHE A 402 0.60 -3.91 24.37
C PHE A 402 0.07 -2.48 24.38
N GLY A 403 0.67 -1.60 23.58
CA GLY A 403 0.13 -0.24 23.45
C GLY A 403 -1.32 -0.20 22.98
N TYR A 404 -1.63 -1.01 21.95
CA TYR A 404 -2.89 -0.92 21.28
C TYR A 404 -4.00 -1.29 22.19
N VAL A 405 -3.81 -2.34 23.00
CA VAL A 405 -4.84 -2.69 23.95
C VAL A 405 -4.99 -1.54 24.94
N ALA A 406 -3.87 -0.96 25.42
CA ALA A 406 -3.98 0.10 26.46
C ALA A 406 -4.71 1.34 26.00
N GLN A 407 -4.33 1.83 24.83
CA GLN A 407 -5.03 2.93 24.24
C GLN A 407 -6.48 2.55 23.93
N GLY A 408 -6.65 1.26 23.51
CA GLY A 408 -7.91 0.70 23.11
C GLY A 408 -8.91 0.81 24.19
N LEU A 409 -8.59 0.29 25.36
CA LEU A 409 -9.56 0.30 26.47
C LEU A 409 -9.68 1.70 27.12
N GLY A 410 -8.63 2.51 26.94
CA GLY A 410 -8.63 3.86 27.49
C GLY A 410 -9.57 4.76 26.69
N GLY A 411 -9.76 4.43 25.41
CA GLY A 411 -10.33 5.40 24.52
C GLY A 411 -9.34 6.54 24.28
N LEU A 412 -8.07 6.22 24.25
CA LEU A 412 -7.00 7.17 24.16
C LEU A 412 -6.32 7.05 22.82
N LYS A 413 -6.13 8.21 22.17
CA LYS A 413 -5.43 8.36 20.93
C LYS A 413 -4.02 8.73 21.32
N PRO A 414 -3.07 7.80 21.20
CA PRO A 414 -1.69 8.00 21.70
C PRO A 414 -0.80 8.93 20.92
N TRP A 415 0.37 9.20 21.48
CA TRP A 415 1.49 9.76 20.77
C TRP A 415 2.37 8.56 20.66
N ILE A 416 2.80 8.24 19.45
CA ILE A 416 3.54 7.00 19.18
C ILE A 416 5.06 7.19 19.10
N LEU A 417 5.82 6.43 19.90
CA LEU A 417 7.29 6.51 19.82
C LEU A 417 7.67 5.66 18.61
N TYR A 418 8.23 6.30 17.60
CA TYR A 418 8.44 5.66 16.30
C TYR A 418 9.56 4.72 16.43
N ARG A 419 9.58 3.76 15.53
CA ARG A 419 10.50 2.71 15.59
C ARG A 419 11.88 3.11 15.14
N PRO A 420 12.87 2.94 16.04
CA PRO A 420 14.21 3.30 15.68
C PRO A 420 14.92 2.49 14.59
N GLU A 421 16.06 2.96 14.15
CA GLU A 421 16.84 2.32 13.13
C GLU A 421 18.23 2.74 13.54
N ASN A 422 19.14 1.77 13.65
CA ASN A 422 20.57 2.04 13.88
C ASN A 422 20.80 2.76 15.22
N ARG A 423 20.01 2.42 16.24
CA ARG A 423 20.24 2.94 17.60
C ARG A 423 20.34 4.50 17.58
N THR A 424 19.56 5.10 16.69
CA THR A 424 19.48 6.55 16.55
C THR A 424 18.06 6.92 17.02
N THR A 425 17.97 7.95 17.86
CA THR A 425 16.68 8.51 18.26
C THR A 425 15.99 9.07 17.05
N PRO A 426 14.83 8.53 16.68
CA PRO A 426 14.25 9.11 15.47
C PRO A 426 13.87 10.58 15.71
N ASP A 427 13.72 11.29 14.59
CA ASP A 427 13.45 12.72 14.53
C ASP A 427 12.43 13.07 13.40
N PRO A 428 11.20 13.49 13.75
CA PRO A 428 10.70 13.54 15.11
C PRO A 428 10.56 12.19 15.87
N SER A 429 10.76 12.31 17.17
CA SER A 429 10.75 11.27 18.16
C SER A 429 9.40 10.58 18.25
N CYS A 430 8.31 11.31 18.09
CA CYS A 430 6.94 10.79 18.17
C CYS A 430 6.00 11.70 17.41
N GLY A 431 4.82 11.17 17.14
CA GLY A 431 3.71 11.94 16.61
C GLY A 431 2.40 11.38 17.09
N ARG A 432 1.31 12.17 16.99
CA ARG A 432 -0.01 11.69 17.39
C ARG A 432 -0.53 10.67 16.40
N ALA A 433 -1.04 9.58 16.94
CA ALA A 433 -1.93 8.68 16.24
C ALA A 433 -2.95 9.39 15.37
N MET A 434 -3.18 8.84 14.19
CA MET A 434 -4.37 9.22 13.45
C MET A 434 -5.65 8.86 14.22
N SER A 435 -5.65 7.76 15.00
CA SER A 435 -6.77 7.49 15.89
C SER A 435 -6.42 6.39 16.91
N MET A 436 -7.39 6.16 17.81
CA MET A 436 -7.20 5.21 18.91
C MET A 436 -7.13 3.80 18.52
N GLU A 437 -7.48 3.41 17.31
CA GLU A 437 -7.57 1.96 16.98
C GLU A 437 -6.29 1.13 16.98
N PRO A 438 -6.39 -0.18 17.18
CA PRO A 438 -5.19 -1.02 16.98
C PRO A 438 -4.88 -1.10 15.51
N CYS A 439 -3.78 -1.78 15.16
CA CYS A 439 -3.33 -1.78 13.80
C CYS A 439 -3.20 -3.21 13.36
N PHE A 440 -3.68 -3.46 12.13
CA PHE A 440 -3.72 -4.79 11.50
C PHE A 440 -2.36 -4.97 10.89
N HIS A 441 -1.51 -5.77 11.52
CA HIS A 441 -0.15 -5.89 11.06
C HIS A 441 0.06 -6.60 9.76
N SER A 442 -0.67 -7.71 9.53
CA SER A 442 -0.46 -8.57 8.35
C SER A 442 -1.72 -8.70 7.45
N PRO A 443 -2.20 -7.54 6.88
CA PRO A 443 -3.47 -7.50 6.08
C PRO A 443 -3.39 -8.11 4.68
N PRO A 444 -4.53 -8.48 4.08
CA PRO A 444 -4.45 -8.92 2.68
C PRO A 444 -4.49 -7.68 1.78
N PHE A 445 -3.97 -7.88 0.56
CA PHE A 445 -3.85 -6.87 -0.53
C PHE A 445 -4.37 -7.43 -1.85
N TYR A 446 -5.64 -7.88 -1.84
CA TYR A 446 -6.29 -8.50 -2.97
C TYR A 446 -7.51 -7.73 -3.32
N ASP A 447 -7.80 -7.52 -4.64
CA ASP A 447 -9.08 -7.01 -5.15
C ASP A 447 -9.85 -8.27 -5.49
N CYS A 448 -10.86 -8.65 -4.73
CA CYS A 448 -11.56 -9.93 -4.95
C CYS A 448 -12.39 -9.95 -6.25
N LYS A 449 -12.96 -8.80 -6.60
CA LYS A 449 -13.71 -8.67 -7.84
C LYS A 449 -12.76 -8.88 -9.04
N ALA A 450 -11.78 -7.98 -9.14
CA ALA A 450 -10.83 -7.95 -10.23
C ALA A 450 -9.78 -9.07 -10.21
N LYS A 451 -9.70 -9.78 -9.10
CA LYS A 451 -8.81 -10.89 -8.93
C LYS A 451 -7.37 -10.44 -9.18
N THR A 452 -6.94 -9.38 -8.51
CA THR A 452 -5.55 -8.90 -8.64
C THR A 452 -5.10 -8.09 -7.42
N GLY A 453 -3.78 -8.04 -7.27
CA GLY A 453 -3.15 -7.20 -6.36
C GLY A 453 -3.66 -5.76 -6.30
N ILE A 454 -3.82 -5.27 -5.06
CA ILE A 454 -4.19 -3.92 -4.80
C ILE A 454 -3.62 -3.36 -3.46
N ASP A 455 -3.37 -2.03 -3.36
CA ASP A 455 -3.05 -1.42 -2.07
C ASP A 455 -4.36 -1.13 -1.34
N THR A 456 -4.69 -1.95 -0.31
CA THR A 456 -5.98 -1.88 0.38
C THR A 456 -5.97 -0.69 1.36
N GLY A 457 -4.82 -0.03 1.54
CA GLY A 457 -4.77 1.20 2.34
C GLY A 457 -5.02 2.54 1.58
N THR A 458 -5.37 2.45 0.30
CA THR A 458 -5.68 3.60 -0.50
C THR A 458 -7.03 3.35 -1.28
N LEU A 459 -7.95 2.56 -0.70
CA LEU A 459 -9.36 2.37 -1.19
C LEU A 459 -10.47 3.27 -0.57
N VAL A 460 -10.45 3.62 0.71
CA VAL A 460 -11.54 4.43 1.30
C VAL A 460 -10.94 5.25 2.42
N PRO A 461 -11.59 6.39 2.73
CA PRO A 461 -10.87 7.30 3.63
C PRO A 461 -10.67 6.77 5.03
N HIS A 462 -11.52 5.84 5.46
CA HIS A 462 -11.52 5.31 6.84
C HIS A 462 -10.52 4.16 7.03
N VAL A 463 -9.91 3.66 5.97
CA VAL A 463 -8.98 2.55 6.17
C VAL A 463 -7.65 3.03 5.63
N ARG A 464 -6.73 3.30 6.53
CA ARG A 464 -5.52 4.00 6.17
C ARG A 464 -4.39 3.13 6.63
N HIS A 465 -3.24 3.29 5.99
CA HIS A 465 -2.03 2.71 6.52
C HIS A 465 -1.63 3.22 7.98
N CYS A 466 -0.95 2.37 8.74
CA CYS A 466 -0.57 2.68 10.12
C CYS A 466 0.58 3.67 10.15
N GLU A 467 0.68 4.35 11.28
CA GLU A 467 1.64 5.43 11.56
C GLU A 467 2.96 4.79 11.94
N ASP A 468 2.82 3.79 12.80
CA ASP A 468 3.91 3.01 13.40
C ASP A 468 4.48 1.94 12.43
N ILE A 469 3.62 1.24 11.73
CA ILE A 469 4.06 0.16 10.82
C ILE A 469 3.27 0.33 9.52
N SER A 470 3.92 0.91 8.53
CA SER A 470 3.21 1.55 7.41
C SER A 470 2.59 0.55 6.46
N TRP A 471 3.09 -0.70 6.55
CA TRP A 471 2.61 -1.81 5.83
C TRP A 471 1.18 -2.19 6.27
N GLY A 472 0.97 -2.29 7.60
CA GLY A 472 -0.33 -2.59 8.22
C GLY A 472 -1.43 -1.56 7.92
N LEU A 473 -2.61 -1.76 8.51
CA LEU A 473 -3.82 -0.99 8.20
C LEU A 473 -4.58 -0.62 9.49
N LYS A 474 -5.33 0.44 9.45
CA LYS A 474 -6.26 0.69 10.55
C LYS A 474 -7.38 1.67 10.21
N LEU A 475 -8.43 1.61 11.04
CA LEU A 475 -9.60 2.42 10.89
C LEU A 475 -9.30 3.77 11.52
N VAL A 476 -9.64 4.84 10.84
CA VAL A 476 -9.45 6.22 11.28
C VAL A 476 -10.75 6.94 11.12
N ASP B 13 -12.41 19.25 -20.40
CA ASP B 13 -11.47 20.44 -20.43
C ASP B 13 -10.18 20.09 -21.19
N LYS B 14 -9.83 20.91 -22.18
CA LYS B 14 -8.70 20.64 -23.05
C LYS B 14 -7.33 20.76 -22.44
N LEU B 15 -7.24 21.38 -21.27
CA LEU B 15 -5.99 21.48 -20.48
C LEU B 15 -5.73 20.28 -19.51
N LEU B 16 -6.65 19.32 -19.51
CA LEU B 16 -6.59 18.06 -18.76
C LEU B 16 -6.58 18.40 -17.30
N GLY B 17 -7.60 19.12 -16.87
CA GLY B 17 -7.71 19.48 -15.46
C GLY B 17 -6.60 20.36 -14.91
N GLY B 18 -5.96 21.18 -15.77
CA GLY B 18 -4.79 21.98 -15.42
C GLY B 18 -3.42 21.43 -15.77
N LEU B 19 -3.38 20.23 -16.30
CA LEU B 19 -2.09 19.53 -16.41
C LEU B 19 -1.25 20.24 -17.49
N LEU B 20 -1.94 20.58 -18.55
CA LEU B 20 -1.36 21.34 -19.68
C LEU B 20 -1.48 22.87 -19.45
N ALA B 21 -0.43 23.55 -19.89
CA ALA B 21 -0.36 24.99 -19.85
C ALA B 21 -1.10 25.56 -21.11
N SER B 22 -1.94 26.58 -20.93
CA SER B 22 -2.56 27.22 -22.06
C SER B 22 -1.61 28.29 -22.63
N GLY B 23 -1.90 28.73 -23.86
CA GLY B 23 -1.00 29.62 -24.56
C GLY B 23 -0.21 29.07 -25.73
N PHE B 24 -0.38 27.78 -26.04
CA PHE B 24 0.39 27.22 -27.15
C PHE B 24 -0.26 27.67 -28.47
N ASP B 25 0.56 27.77 -29.50
CA ASP B 25 0.01 28.00 -30.83
C ASP B 25 -0.73 26.72 -31.26
N GLU B 26 -2.05 26.82 -31.46
CA GLU B 26 -2.91 25.66 -31.71
C GLU B 26 -2.62 24.87 -32.99
N ASP B 27 -2.52 25.55 -34.11
CA ASP B 27 -2.43 24.84 -35.37
C ASP B 27 -1.10 24.14 -35.61
N SER B 28 -0.02 24.48 -34.93
CA SER B 28 1.26 23.81 -35.18
C SER B 28 1.40 22.50 -34.39
N CYS B 29 0.51 22.30 -33.43
CA CYS B 29 0.38 20.97 -32.76
C CYS B 29 -1.07 20.78 -32.42
N LEU B 30 -1.80 20.18 -33.35
CA LEU B 30 -3.26 20.02 -33.27
C LEU B 30 -3.68 19.02 -32.20
N SER B 31 -2.84 18.00 -31.98
CA SER B 31 -3.17 16.94 -31.00
C SER B 31 -3.34 17.58 -29.66
N ARG B 32 -2.31 18.28 -29.20
CA ARG B 32 -2.30 19.05 -27.92
C ARG B 32 -3.64 19.31 -27.19
N TYR B 33 -4.43 20.22 -27.71
CA TYR B 33 -5.74 20.52 -27.12
C TYR B 33 -6.93 19.77 -27.77
N GLN B 34 -6.69 19.08 -28.87
CA GLN B 34 -7.81 18.43 -29.59
C GLN B 34 -7.92 16.94 -29.26
N SER B 35 -6.94 16.35 -28.57
CA SER B 35 -7.15 15.06 -27.88
C SER B 35 -8.57 14.89 -27.36
N VAL B 36 -9.08 15.89 -26.65
CA VAL B 36 -10.40 15.83 -26.01
C VAL B 36 -11.50 15.41 -26.94
N HIS B 37 -11.50 15.81 -28.21
CA HIS B 37 -12.57 15.40 -29.10
C HIS B 37 -12.60 13.87 -29.39
N TYR B 38 -11.45 13.18 -29.23
CA TYR B 38 -11.33 11.74 -29.47
C TYR B 38 -11.09 10.83 -28.24
N ARG B 39 -10.57 11.38 -27.12
CA ARG B 39 -10.38 10.56 -25.91
C ARG B 39 -11.43 10.97 -24.89
N LYS B 40 -11.96 9.98 -24.17
CA LYS B 40 -12.98 10.21 -23.17
C LYS B 40 -12.29 10.72 -21.89
N PRO B 41 -13.06 11.33 -21.00
CA PRO B 41 -12.40 11.98 -19.87
C PRO B 41 -11.71 10.97 -18.99
N SER B 42 -10.45 11.28 -18.64
CA SER B 42 -9.70 10.55 -17.61
C SER B 42 -10.43 10.59 -16.30
N PRO B 43 -10.54 9.44 -15.65
CA PRO B 43 -10.99 9.56 -14.22
C PRO B 43 -9.97 10.21 -13.27
N TYR B 44 -8.74 10.38 -13.76
CA TYR B 44 -7.57 10.78 -12.91
C TYR B 44 -7.18 12.24 -13.05
N LYS B 45 -7.39 12.95 -11.98
CA LYS B 45 -7.16 14.36 -11.97
C LYS B 45 -5.81 14.61 -11.36
N PRO B 46 -4.98 15.42 -12.03
CA PRO B 46 -3.69 15.77 -11.44
C PRO B 46 -3.82 16.64 -10.20
N SER B 47 -2.98 16.36 -9.23
CA SER B 47 -2.96 17.10 -7.97
C SER B 47 -2.55 18.53 -8.24
N SER B 48 -3.07 19.42 -7.39
CA SER B 48 -2.65 20.78 -7.38
C SER B 48 -1.17 20.86 -7.19
N TYR B 49 -0.64 20.03 -6.34
CA TYR B 49 0.78 20.03 -6.15
C TYR B 49 1.58 19.82 -7.42
N LEU B 50 1.24 18.81 -8.22
CA LEU B 50 1.89 18.55 -9.48
C LEU B 50 1.68 19.65 -10.55
N ILE B 51 0.47 20.16 -10.67
CA ILE B 51 0.22 21.22 -11.58
C ILE B 51 1.26 22.28 -11.25
N SER B 52 1.32 22.66 -9.95
CA SER B 52 2.24 23.66 -9.56
C SER B 52 3.67 23.36 -9.94
N LYS B 53 4.07 22.13 -9.59
CA LYS B 53 5.41 21.71 -9.90
C LYS B 53 5.73 21.78 -11.42
N LEU B 54 4.74 21.59 -12.26
CA LEU B 54 5.00 21.58 -13.72
C LEU B 54 5.10 23.01 -14.24
N ARG B 55 4.20 23.83 -13.77
CA ARG B 55 4.28 25.27 -13.93
C ARG B 55 5.64 25.83 -13.56
N ASN B 56 6.22 25.32 -12.48
CA ASN B 56 7.53 25.80 -12.05
C ASN B 56 8.67 25.17 -12.78
N TYR B 57 8.46 23.95 -13.27
CA TYR B 57 9.39 23.37 -14.26
C TYR B 57 9.55 24.32 -15.50
N GLU B 58 8.42 24.86 -15.95
CA GLU B 58 8.38 25.65 -17.23
C GLU B 58 9.16 26.97 -17.06
N LYS B 59 9.01 27.58 -15.89
CA LYS B 59 9.88 28.65 -15.49
C LYS B 59 11.33 28.22 -15.41
N LEU B 60 11.64 27.13 -14.74
CA LEU B 60 13.01 26.75 -14.68
C LEU B 60 13.59 26.52 -16.08
N HIS B 61 12.84 25.84 -16.92
CA HIS B 61 13.25 25.60 -18.31
C HIS B 61 13.44 26.84 -19.14
N LYS B 62 12.56 27.81 -18.93
N LYS B 62 12.54 27.80 -18.97
CA LYS B 62 12.67 29.16 -19.46
CA LYS B 62 12.61 29.12 -19.61
C LYS B 62 13.94 29.96 -19.01
C LYS B 62 13.87 29.93 -19.24
N ARG B 63 14.29 29.93 -17.71
N ARG B 63 14.26 29.87 -17.93
CA ARG B 63 15.53 30.52 -17.21
CA ARG B 63 15.46 30.50 -17.34
C ARG B 63 16.80 29.82 -17.74
C ARG B 63 16.80 29.83 -17.72
N CYS B 64 16.85 28.50 -17.67
CA CYS B 64 18.09 27.71 -17.96
C CYS B 64 18.13 26.90 -19.26
N GLY B 65 17.01 26.84 -19.94
CA GLY B 65 16.83 25.97 -21.09
C GLY B 65 17.65 26.39 -22.30
N PRO B 66 17.55 25.60 -23.37
CA PRO B 66 18.46 25.76 -24.48
C PRO B 66 18.20 27.07 -25.21
N GLY B 67 19.28 27.70 -25.63
CA GLY B 67 19.20 29.00 -26.25
C GLY B 67 19.45 30.19 -25.32
N THR B 68 19.37 29.96 -23.99
CA THR B 68 19.44 31.09 -23.02
C THR B 68 20.88 31.39 -22.77
N GLU B 69 21.17 32.62 -22.35
CA GLU B 69 22.50 32.98 -21.86
C GLU B 69 23.02 32.09 -20.67
N SER B 70 22.10 31.74 -19.78
CA SER B 70 22.41 30.79 -18.67
C SER B 70 22.97 29.47 -19.19
N TYR B 71 22.23 28.84 -20.10
CA TYR B 71 22.67 27.63 -20.80
C TYR B 71 24.06 27.82 -21.37
N LYS B 72 24.24 28.92 -22.11
CA LYS B 72 25.51 29.20 -22.78
C LYS B 72 26.62 29.29 -21.73
N LYS B 73 26.39 30.03 -20.63
CA LYS B 73 27.36 30.12 -19.53
C LYS B 73 27.65 28.76 -18.86
N ALA B 74 26.59 28.08 -18.43
CA ALA B 74 26.66 26.74 -17.84
C ALA B 74 27.36 25.74 -18.71
N LEU B 75 27.36 25.93 -20.02
CA LEU B 75 28.15 25.03 -20.87
C LEU B 75 29.64 25.15 -20.69
N LYS B 76 30.13 26.32 -20.27
CA LYS B 76 31.59 26.52 -20.10
C LYS B 76 32.16 25.62 -19.03
N GLN B 77 31.33 25.22 -18.08
CA GLN B 77 31.65 24.18 -17.09
C GLN B 77 32.15 22.88 -17.69
N LEU B 78 31.68 22.50 -18.86
CA LEU B 78 32.22 21.30 -19.48
C LEU B 78 33.66 21.42 -20.11
N ASP B 79 34.32 22.58 -19.98
CA ASP B 79 35.70 22.81 -20.50
C ASP B 79 36.75 22.17 -19.56
N GLN B 80 36.94 22.67 -18.32
CA GLN B 80 37.60 21.88 -17.26
C GLN B 80 36.70 20.64 -16.90
N GLU B 81 37.30 19.52 -16.49
CA GLU B 81 36.55 18.32 -16.07
C GLU B 81 36.06 18.33 -14.55
N HIS B 82 36.49 19.33 -13.78
CA HIS B 82 35.82 19.69 -12.51
C HIS B 82 35.20 21.07 -12.57
N ILE B 83 34.27 21.35 -11.65
CA ILE B 83 33.73 22.70 -11.46
C ILE B 83 34.46 23.42 -10.35
N ASP B 84 34.25 24.73 -10.34
CA ASP B 84 34.79 25.67 -9.37
C ASP B 84 33.65 26.49 -8.84
N GLY B 85 33.17 26.12 -7.65
CA GLY B 85 31.96 26.69 -7.09
C GLY B 85 30.72 26.33 -7.90
N ASP B 86 29.58 26.74 -7.35
CA ASP B 86 28.27 26.49 -7.97
C ASP B 86 28.02 27.36 -9.18
N GLY B 87 27.30 26.81 -10.15
CA GLY B 87 26.62 27.59 -11.19
C GLY B 87 25.15 27.70 -10.82
N GLU B 88 24.38 28.39 -11.67
N GLU B 88 24.37 28.38 -11.66
CA GLU B 88 22.91 28.65 -11.50
CA GLU B 88 22.94 28.63 -11.43
C GLU B 88 21.93 27.56 -12.01
C GLU B 88 21.93 27.67 -12.12
N CYS B 89 22.42 26.62 -12.81
CA CYS B 89 21.56 25.70 -13.58
C CYS B 89 22.12 24.31 -13.56
N LYS B 90 21.25 23.37 -13.25
CA LYS B 90 21.55 21.93 -13.39
C LYS B 90 20.78 21.28 -14.53
N TYR B 91 21.40 20.26 -15.16
CA TYR B 91 20.88 19.60 -16.37
C TYR B 91 20.84 18.05 -16.25
N VAL B 92 19.83 17.38 -16.87
CA VAL B 92 19.85 15.96 -17.17
C VAL B 92 19.55 15.83 -18.63
N VAL B 93 20.51 15.29 -19.36
CA VAL B 93 20.37 14.93 -20.72
C VAL B 93 20.01 13.43 -20.95
N TRP B 94 18.94 13.20 -21.70
CA TRP B 94 18.53 11.88 -22.12
C TRP B 94 19.03 11.59 -23.51
N ILE B 95 19.92 10.59 -23.62
CA ILE B 95 20.40 10.14 -24.95
C ILE B 95 19.28 9.38 -25.61
N SER B 96 19.05 9.66 -26.88
CA SER B 96 18.05 8.93 -27.66
C SER B 96 18.58 7.51 -28.00
N PHE B 97 17.81 6.49 -27.62
CA PHE B 97 18.32 5.13 -27.45
C PHE B 97 17.20 4.10 -27.37
N SER B 98 17.40 2.97 -28.09
CA SER B 98 16.51 1.79 -28.06
C SER B 98 15.23 2.20 -28.76
N GLY B 99 14.15 1.45 -28.55
CA GLY B 99 12.99 1.55 -29.44
C GLY B 99 11.97 2.52 -28.95
N LEU B 100 10.99 2.84 -29.78
CA LEU B 100 10.10 3.93 -29.49
C LEU B 100 9.29 3.77 -28.17
N GLY B 101 8.81 2.59 -27.84
CA GLY B 101 8.15 2.33 -26.51
C GLY B 101 9.06 2.58 -25.27
N ASN B 102 10.32 2.16 -25.38
CA ASN B 102 11.29 2.36 -24.41
C ASN B 102 11.66 3.83 -24.23
N ARG B 103 11.67 4.55 -25.35
CA ARG B 103 12.02 5.97 -25.44
C ARG B 103 10.97 6.79 -24.75
N ILE B 104 9.72 6.52 -25.06
CA ILE B 104 8.67 7.20 -24.31
C ILE B 104 8.76 6.87 -22.78
N LEU B 105 8.87 5.60 -22.44
CA LEU B 105 8.89 5.28 -21.02
C LEU B 105 10.15 5.91 -20.29
N SER B 106 11.35 5.68 -20.85
CA SER B 106 12.55 6.09 -20.20
C SER B 106 12.64 7.59 -20.05
N LEU B 107 12.26 8.34 -21.11
CA LEU B 107 12.27 9.78 -21.07
C LEU B 107 11.25 10.36 -20.07
N ALA B 108 10.08 9.73 -19.92
CA ALA B 108 9.14 10.06 -18.81
C ALA B 108 9.78 9.92 -17.45
N SER B 109 10.63 8.91 -17.33
CA SER B 109 11.14 8.47 -16.06
C SER B 109 12.21 9.54 -15.66
N VAL B 110 12.96 9.94 -16.69
CA VAL B 110 14.06 10.89 -16.59
C VAL B 110 13.52 12.31 -16.38
N PHE B 111 12.36 12.65 -16.96
CA PHE B 111 11.71 13.93 -16.56
C PHE B 111 11.29 13.97 -15.10
N LEU B 112 10.72 12.88 -14.59
CA LEU B 112 10.37 12.80 -13.16
C LEU B 112 11.63 13.03 -12.30
N TYR B 113 12.69 12.36 -12.68
CA TYR B 113 13.95 12.52 -12.09
C TYR B 113 14.37 14.01 -12.07
N ALA B 114 14.22 14.67 -13.24
CA ALA B 114 14.54 16.02 -13.39
C ALA B 114 13.62 16.83 -12.45
N LEU B 115 12.36 16.50 -12.33
CA LEU B 115 11.53 17.19 -11.37
C LEU B 115 11.92 17.04 -9.90
N LEU B 116 12.45 15.85 -9.55
CA LEU B 116 12.82 15.56 -8.19
C LEU B 116 14.22 16.03 -7.84
N THR B 117 14.96 16.52 -8.84
CA THR B 117 16.34 17.01 -8.60
C THR B 117 16.59 18.43 -9.08
N ASP B 118 15.53 19.19 -9.34
CA ASP B 118 15.64 20.55 -9.80
C ASP B 118 16.60 20.79 -10.96
N ARG B 119 16.60 19.83 -11.89
CA ARG B 119 17.30 19.96 -13.16
C ARG B 119 16.36 20.26 -14.34
N VAL B 120 16.95 20.94 -15.35
CA VAL B 120 16.34 21.13 -16.63
C VAL B 120 16.58 19.87 -17.49
N LEU B 121 15.51 19.37 -18.11
CA LEU B 121 15.59 18.22 -19.01
C LEU B 121 16.04 18.65 -20.40
N LEU B 122 17.07 18.05 -20.96
CA LEU B 122 17.43 18.31 -22.33
C LEU B 122 17.39 17.01 -23.17
N VAL B 123 16.71 17.04 -24.32
CA VAL B 123 16.44 15.81 -25.11
C VAL B 123 17.23 15.71 -26.40
N ASP B 124 18.12 14.74 -26.45
CA ASP B 124 18.75 14.34 -27.72
C ASP B 124 17.64 13.90 -28.70
N ARG B 125 17.54 14.63 -29.80
CA ARG B 125 16.43 14.43 -30.70
C ARG B 125 16.60 13.12 -31.49
N GLY B 126 17.78 12.51 -31.53
CA GLY B 126 17.99 11.28 -32.32
C GLY B 126 17.66 11.52 -33.78
N LYS B 127 17.13 10.49 -34.46
CA LYS B 127 16.73 10.62 -35.86
C LYS B 127 15.34 11.22 -36.08
N ASP B 128 14.52 11.29 -35.04
CA ASP B 128 13.06 11.49 -35.17
C ASP B 128 12.19 12.13 -34.00
N MET B 129 12.78 12.53 -32.86
CA MET B 129 11.94 12.97 -31.73
C MET B 129 11.12 14.17 -32.20
N ASP B 130 11.82 15.12 -32.81
N ASP B 130 11.73 15.11 -32.89
CA ASP B 130 11.29 16.27 -33.54
CA ASP B 130 11.01 16.28 -33.39
C ASP B 130 10.05 15.84 -34.36
C ASP B 130 10.08 15.99 -34.60
N ASP B 131 10.21 14.80 -35.19
CA ASP B 131 9.20 14.37 -36.16
C ASP B 131 7.93 13.84 -35.54
N LEU B 132 8.06 13.15 -34.41
CA LEU B 132 6.97 12.44 -33.80
C LEU B 132 6.24 13.23 -32.78
N PHE B 133 6.97 14.04 -32.01
CA PHE B 133 6.45 14.79 -30.86
C PHE B 133 6.56 16.31 -30.99
N CYS B 134 5.48 17.02 -30.62
CA CYS B 134 5.58 18.46 -30.44
C CYS B 134 6.44 18.87 -29.21
N GLU B 135 6.70 20.17 -29.11
CA GLU B 135 7.35 20.77 -27.93
C GLU B 135 6.33 20.81 -26.81
N PRO B 136 6.62 20.18 -25.63
CA PRO B 136 5.84 20.23 -24.38
C PRO B 136 6.07 21.42 -23.42
N PHE B 137 7.15 22.20 -23.58
CA PHE B 137 7.49 23.29 -22.54
C PHE B 137 7.24 24.65 -23.09
N LEU B 138 6.19 25.28 -22.58
CA LEU B 138 5.72 26.57 -23.17
C LEU B 138 6.81 27.67 -23.37
N GLY B 139 6.77 28.31 -24.55
CA GLY B 139 7.81 29.25 -25.09
C GLY B 139 9.28 28.84 -24.99
N MET B 140 9.60 27.59 -25.29
CA MET B 140 10.95 27.08 -25.17
C MET B 140 11.00 25.81 -25.96
N SER B 141 12.22 25.36 -26.24
CA SER B 141 12.39 24.02 -26.77
C SER B 141 12.89 23.05 -25.75
N TRP B 142 12.50 21.77 -25.87
CA TRP B 142 13.12 20.76 -25.03
C TRP B 142 14.34 20.14 -25.59
N LEU B 143 14.70 20.45 -26.85
CA LEU B 143 15.80 19.71 -27.54
C LEU B 143 17.22 20.08 -27.21
N LEU B 144 18.05 19.04 -27.05
CA LEU B 144 19.50 19.22 -26.96
C LEU B 144 19.93 19.91 -28.25
N PRO B 145 20.73 20.97 -28.15
CA PRO B 145 21.25 21.52 -29.42
C PRO B 145 22.12 20.56 -30.23
N LEU B 146 22.11 20.69 -31.56
CA LEU B 146 23.01 19.86 -32.38
C LEU B 146 24.53 20.14 -32.14
N ASP B 147 24.91 21.35 -31.70
CA ASP B 147 26.33 21.68 -31.37
C ASP B 147 26.78 21.33 -29.92
N PHE B 148 25.90 20.75 -29.10
CA PHE B 148 26.23 20.33 -27.74
C PHE B 148 27.57 19.60 -27.78
N PRO B 149 28.59 20.14 -27.07
CA PRO B 149 29.98 19.70 -27.19
C PRO B 149 30.19 18.17 -27.31
N MET B 150 29.53 17.41 -26.44
CA MET B 150 29.73 15.96 -26.22
C MET B 150 28.86 14.96 -27.04
N THR B 151 28.07 15.42 -28.02
CA THR B 151 27.00 14.59 -28.62
C THR B 151 27.56 13.33 -29.31
N ASP B 152 28.74 13.51 -29.90
CA ASP B 152 29.44 12.44 -30.62
C ASP B 152 30.14 11.41 -29.68
N GLN B 153 30.25 11.72 -28.39
CA GLN B 153 30.63 10.74 -27.42
C GLN B 153 29.45 9.87 -26.97
N PHE B 154 28.20 10.22 -27.28
CA PHE B 154 27.06 9.51 -26.72
C PHE B 154 27.02 7.99 -27.03
N ASP B 155 27.52 7.61 -28.21
CA ASP B 155 27.68 6.18 -28.52
C ASP B 155 28.84 5.56 -27.68
N GLY B 156 29.90 6.34 -27.47
CA GLY B 156 31.08 5.94 -26.63
C GLY B 156 30.93 5.75 -25.12
N LEU B 157 29.87 6.31 -24.54
CA LEU B 157 29.59 6.15 -23.12
C LEU B 157 29.10 4.77 -22.81
N ASN B 158 29.76 4.11 -21.88
CA ASN B 158 29.34 2.79 -21.43
C ASN B 158 29.87 2.60 -20.02
N GLN B 159 29.72 1.39 -19.44
CA GLN B 159 30.13 1.09 -18.08
C GLN B 159 31.64 1.22 -17.77
N GLU B 160 32.51 1.15 -18.78
CA GLU B 160 33.96 1.46 -18.65
C GLU B 160 34.38 2.96 -18.94
N SER B 161 33.48 3.79 -19.47
CA SER B 161 33.83 5.20 -19.66
C SER B 161 34.21 5.75 -18.30
N SER B 162 35.31 6.50 -18.24
CA SER B 162 35.84 6.98 -16.96
C SER B 162 34.82 7.80 -16.16
N ARG B 163 33.88 8.49 -16.85
CA ARG B 163 32.89 9.32 -16.16
C ARG B 163 31.57 8.60 -15.83
N CYS B 164 31.58 7.28 -16.02
CA CYS B 164 30.45 6.44 -15.73
C CYS B 164 30.38 6.20 -14.24
N TYR B 165 29.20 6.28 -13.69
CA TYR B 165 29.10 6.42 -12.26
C TYR B 165 29.39 5.07 -11.60
N GLY B 166 28.79 4.01 -12.15
CA GLY B 166 29.22 2.66 -11.90
C GLY B 166 30.73 2.52 -11.98
N TYR B 167 31.33 3.03 -13.04
CA TYR B 167 32.76 2.83 -13.20
C TYR B 167 33.45 3.38 -11.99
N MET B 168 32.97 4.56 -11.59
CA MET B 168 33.50 5.24 -10.47
C MET B 168 33.21 4.56 -9.16
N VAL B 169 31.97 4.12 -8.90
CA VAL B 169 31.71 3.32 -7.69
C VAL B 169 32.54 2.03 -7.69
N LYS B 170 32.65 1.38 -8.85
CA LYS B 170 33.43 0.12 -8.95
C LYS B 170 34.85 0.27 -8.39
N ASN B 171 35.56 1.25 -8.89
CA ASN B 171 36.98 1.45 -8.53
C ASN B 171 37.22 2.08 -7.18
N GLN B 172 36.23 2.81 -6.68
CA GLN B 172 36.31 3.50 -5.40
C GLN B 172 37.35 4.64 -5.52
N VAL B 173 37.15 5.41 -6.59
CA VAL B 173 38.06 6.47 -7.04
C VAL B 173 38.29 7.43 -5.86
N ILE B 174 39.54 7.84 -5.66
CA ILE B 174 39.84 8.97 -4.75
C ILE B 174 40.05 10.28 -5.55
N ASP B 175 39.02 11.13 -5.60
CA ASP B 175 39.06 12.41 -6.32
C ASP B 175 39.37 13.60 -5.39
N THR B 176 40.50 14.29 -5.61
CA THR B 176 40.85 15.46 -4.79
C THR B 176 40.40 16.79 -5.40
N GLU B 177 40.25 16.85 -6.73
CA GLU B 177 39.90 18.14 -7.38
C GLU B 177 38.39 18.50 -7.37
N GLY B 178 37.60 17.89 -6.46
CA GLY B 178 36.23 18.41 -6.13
C GLY B 178 35.06 17.79 -6.91
N THR B 179 33.95 18.51 -7.01
CA THR B 179 32.79 18.07 -7.79
C THR B 179 33.07 18.04 -9.30
N LEU B 180 32.69 16.97 -10.00
CA LEU B 180 32.87 16.88 -11.43
C LEU B 180 31.87 17.78 -12.18
N SER B 181 32.24 18.17 -13.41
CA SER B 181 31.36 18.89 -14.31
C SER B 181 30.19 18.02 -14.84
N HIS B 182 30.55 16.81 -15.30
CA HIS B 182 29.52 15.84 -15.75
C HIS B 182 29.70 14.43 -15.27
N LEU B 183 28.60 13.70 -15.41
CA LEU B 183 28.50 12.29 -15.06
C LEU B 183 27.68 11.54 -16.12
N TYR B 184 28.19 10.38 -16.56
CA TYR B 184 27.40 9.39 -17.34
C TYR B 184 26.72 8.37 -16.44
N LEU B 185 25.40 8.31 -16.55
CA LEU B 185 24.60 7.41 -15.73
C LEU B 185 24.07 6.29 -16.60
N HIS B 186 24.62 5.09 -16.39
CA HIS B 186 24.27 3.90 -17.18
C HIS B 186 23.08 3.21 -16.51
N LEU B 187 21.89 3.42 -17.08
CA LEU B 187 20.67 2.78 -16.65
C LEU B 187 20.05 1.89 -17.79
N VAL B 188 20.88 1.36 -18.66
CA VAL B 188 20.44 0.42 -19.72
C VAL B 188 20.13 -0.95 -18.99
N HIS B 189 19.36 -1.83 -19.62
CA HIS B 189 18.86 -3.05 -18.95
C HIS B 189 19.97 -4.03 -18.52
N ASP B 190 21.17 -3.85 -19.06
CA ASP B 190 22.31 -4.76 -18.82
C ASP B 190 23.31 -4.21 -17.80
N TYR B 191 22.84 -3.23 -17.01
CA TYR B 191 23.60 -2.61 -15.94
C TYR B 191 23.73 -3.48 -14.71
N GLY B 192 24.85 -3.28 -14.01
CA GLY B 192 25.35 -4.19 -13.00
C GLY B 192 25.12 -3.51 -11.68
N ASP B 193 25.56 -4.16 -10.58
CA ASP B 193 25.32 -3.67 -9.18
C ASP B 193 25.81 -2.23 -8.83
N HIS B 194 26.92 -1.84 -9.46
CA HIS B 194 27.52 -0.57 -9.16
C HIS B 194 26.63 0.53 -9.79
N ASP B 195 26.22 0.34 -11.04
CA ASP B 195 25.32 1.33 -11.76
C ASP B 195 24.02 1.49 -11.03
N LYS B 196 23.55 0.40 -10.45
CA LYS B 196 22.31 0.33 -9.68
C LYS B 196 22.45 1.04 -8.38
N MET B 197 23.65 1.53 -8.07
CA MET B 197 23.79 2.35 -6.86
C MET B 197 23.11 3.66 -7.07
N PHE B 198 22.91 4.06 -8.33
CA PHE B 198 22.01 5.16 -8.66
C PHE B 198 20.73 5.21 -7.79
N PHE B 199 20.20 4.07 -7.35
CA PHE B 199 18.91 4.01 -6.62
C PHE B 199 18.99 4.13 -5.11
N CYS B 200 20.16 4.52 -4.63
CA CYS B 200 20.41 4.71 -3.18
C CYS B 200 20.62 6.18 -2.85
N GLU B 201 20.17 6.58 -1.64
CA GLU B 201 20.14 8.01 -1.18
C GLU B 201 21.49 8.74 -1.15
N GLY B 202 22.50 8.10 -0.59
CA GLY B 202 23.86 8.68 -0.52
C GLY B 202 24.42 8.94 -1.91
N ASP B 203 24.32 7.91 -2.76
CA ASP B 203 24.61 8.01 -4.20
C ASP B 203 23.84 9.16 -4.89
N GLN B 204 22.58 9.31 -4.56
CA GLN B 204 21.83 10.48 -4.93
C GLN B 204 22.41 11.79 -4.36
N THR B 205 22.83 11.81 -3.09
CA THR B 205 23.44 13.08 -2.62
C THR B 205 24.67 13.52 -3.43
N PHE B 206 25.53 12.58 -3.81
CA PHE B 206 26.72 12.87 -4.60
C PHE B 206 26.37 13.36 -5.96
N ILE B 207 25.40 12.67 -6.57
CA ILE B 207 25.04 12.91 -7.95
C ILE B 207 24.39 14.29 -8.00
N GLY B 208 23.53 14.56 -7.01
CA GLY B 208 23.02 15.91 -6.65
C GLY B 208 23.85 17.12 -7.04
N LYS B 209 25.15 16.98 -6.92
CA LYS B 209 26.05 18.14 -6.98
C LYS B 209 26.56 18.39 -8.38
N VAL B 210 26.55 17.36 -9.22
CA VAL B 210 27.14 17.41 -10.57
C VAL B 210 26.15 18.14 -11.47
N PRO B 211 26.60 19.17 -12.19
CA PRO B 211 25.58 19.97 -12.81
C PRO B 211 25.10 19.41 -14.11
N TRP B 212 25.93 18.62 -14.77
CA TRP B 212 25.54 18.01 -16.04
C TRP B 212 25.55 16.47 -15.96
N LEU B 213 24.38 15.90 -15.77
CA LEU B 213 24.12 14.46 -15.92
C LEU B 213 23.69 14.08 -17.34
N ILE B 214 24.24 12.96 -17.82
CA ILE B 214 23.96 12.42 -19.14
C ILE B 214 23.45 10.99 -18.93
N VAL B 215 22.27 10.66 -19.45
CA VAL B 215 21.63 9.41 -19.06
C VAL B 215 21.39 8.58 -20.33
N LYS B 216 21.63 7.28 -20.21
CA LYS B 216 21.27 6.29 -21.20
C LYS B 216 20.45 5.27 -20.44
N THR B 217 19.21 5.15 -20.89
CA THR B 217 18.33 4.12 -20.42
C THR B 217 17.21 3.65 -21.42
N ASP B 218 16.76 2.44 -21.17
CA ASP B 218 15.64 1.84 -21.89
C ASP B 218 14.60 1.28 -20.96
N ASN B 219 14.54 1.74 -19.72
CA ASN B 219 13.64 1.07 -18.73
C ASN B 219 12.83 2.19 -18.15
N TYR B 220 11.62 1.86 -17.77
CA TYR B 220 10.78 2.64 -16.99
C TYR B 220 11.15 2.53 -15.50
N PHE B 221 11.97 3.47 -14.94
CA PHE B 221 12.61 3.29 -13.58
C PHE B 221 11.88 3.94 -12.46
N VAL B 222 10.91 4.79 -12.83
CA VAL B 222 9.98 5.39 -11.86
C VAL B 222 9.75 4.54 -10.52
N PRO B 223 9.50 3.26 -10.64
CA PRO B 223 9.10 2.60 -9.37
C PRO B 223 10.21 2.62 -8.29
N SER B 224 11.44 2.30 -8.67
CA SER B 224 12.54 2.39 -7.77
C SER B 224 12.77 3.77 -7.11
N LEU B 225 12.51 4.89 -7.82
CA LEU B 225 12.63 6.18 -7.17
C LEU B 225 11.76 6.27 -5.87
N TRP B 226 10.61 5.59 -5.83
CA TRP B 226 9.71 5.67 -4.70
C TRP B 226 10.29 4.98 -3.46
N LEU B 227 11.43 4.34 -3.62
CA LEU B 227 12.01 3.57 -2.54
C LEU B 227 13.27 4.27 -2.06
N ILE B 228 13.50 5.48 -2.56
CA ILE B 228 14.57 6.32 -2.04
C ILE B 228 14.04 7.40 -1.10
N PRO B 229 14.43 7.38 0.19
CA PRO B 229 14.02 8.48 1.09
C PRO B 229 14.33 9.94 0.57
N GLY B 230 13.45 10.90 0.84
CA GLY B 230 13.58 12.24 0.22
C GLY B 230 12.75 12.31 -1.03
N PHE B 231 13.05 11.44 -2.01
CA PHE B 231 12.17 11.24 -3.15
C PHE B 231 10.76 10.73 -2.75
N ASP B 232 10.70 9.78 -1.80
N ASP B 232 10.69 9.77 -1.80
CA ASP B 232 9.42 9.21 -1.44
CA ASP B 232 9.41 9.20 -1.33
C ASP B 232 8.39 10.27 -1.02
C ASP B 232 8.38 10.26 -0.98
N ASP B 233 8.79 11.20 -0.14
CA ASP B 233 7.89 12.25 0.40
C ASP B 233 7.46 13.19 -0.77
N GLU B 234 8.37 13.63 -1.61
CA GLU B 234 8.02 14.50 -2.75
C GLU B 234 6.99 13.81 -3.73
N LEU B 235 7.17 12.49 -4.00
CA LEU B 235 6.32 11.73 -4.91
C LEU B 235 4.89 11.57 -4.37
N ASN B 236 4.76 11.40 -3.07
CA ASN B 236 3.41 11.35 -2.42
C ASN B 236 2.54 12.61 -2.49
N LYS B 237 3.23 13.72 -2.68
CA LYS B 237 2.60 15.01 -2.76
C LYS B 237 2.26 15.25 -4.25
N LEU B 238 3.24 15.00 -5.11
CA LEU B 238 3.03 15.01 -6.54
C LEU B 238 1.91 14.04 -6.94
N PHE B 239 1.90 12.79 -6.44
CA PHE B 239 0.90 11.77 -6.90
C PHE B 239 0.08 11.11 -5.79
N PRO B 240 -0.96 11.79 -5.26
CA PRO B 240 -1.72 11.21 -4.17
C PRO B 240 -2.26 9.88 -4.54
N GLN B 241 -2.68 9.75 -5.80
CA GLN B 241 -2.97 8.41 -6.37
C GLN B 241 -1.70 8.02 -7.07
N LYS B 242 -1.00 7.02 -6.55
CA LYS B 242 0.40 6.79 -6.90
C LYS B 242 0.59 6.11 -8.22
N ALA B 243 -0.40 5.33 -8.65
CA ALA B 243 -0.36 4.69 -9.95
C ALA B 243 -0.71 5.67 -11.16
N THR B 244 -0.70 7.01 -10.95
CA THR B 244 -0.90 7.99 -12.07
C THR B 244 0.39 8.63 -12.63
N VAL B 245 1.56 8.18 -12.18
CA VAL B 245 2.80 8.84 -12.62
C VAL B 245 2.83 8.99 -14.15
N PHE B 246 2.66 7.90 -14.94
CA PHE B 246 2.90 7.95 -16.35
C PHE B 246 1.70 8.51 -17.07
N HIS B 247 0.54 8.14 -16.58
CA HIS B 247 -0.63 8.70 -17.06
C HIS B 247 -0.58 10.25 -17.10
N HIS B 248 -0.17 10.89 -15.98
CA HIS B 248 0.04 12.30 -15.92
C HIS B 248 1.21 12.74 -16.67
N LEU B 249 2.38 12.19 -16.41
CA LEU B 249 3.60 12.77 -17.02
C LEU B 249 3.63 12.56 -18.54
N GLY B 250 3.19 11.35 -18.98
CA GLY B 250 3.05 11.01 -20.39
C GLY B 250 2.13 11.94 -21.18
N ARG B 251 0.90 12.06 -20.74
CA ARG B 251 -0.05 13.08 -21.25
C ARG B 251 0.51 14.53 -21.26
N TYR B 252 1.32 14.90 -20.33
CA TYR B 252 1.98 16.21 -20.31
C TYR B 252 3.06 16.23 -21.33
N LEU B 253 3.90 15.23 -21.39
CA LEU B 253 5.06 15.31 -22.29
C LEU B 253 4.86 14.97 -23.75
N PHE B 254 3.86 14.20 -24.11
CA PHE B 254 3.87 13.55 -25.42
C PHE B 254 2.58 13.92 -26.18
N HIS B 255 2.77 14.81 -27.17
CA HIS B 255 1.78 15.17 -28.15
C HIS B 255 2.27 14.86 -29.61
N PRO B 256 1.45 14.16 -30.39
CA PRO B 256 2.00 13.79 -31.69
C PRO B 256 1.97 14.96 -32.58
N THR B 257 3.06 15.19 -33.31
CA THR B 257 3.03 16.02 -34.48
C THR B 257 1.79 15.82 -35.31
N ASN B 258 1.36 16.90 -35.99
CA ASN B 258 0.29 16.87 -37.00
C ASN B 258 0.35 15.64 -38.00
N GLN B 259 1.53 15.35 -38.58
CA GLN B 259 1.72 14.19 -39.51
C GLN B 259 1.29 12.91 -38.79
N VAL B 260 1.81 12.63 -37.61
CA VAL B 260 1.27 11.46 -36.81
C VAL B 260 -0.19 11.64 -36.37
N TRP B 261 -0.61 12.84 -36.05
CA TRP B 261 -1.99 13.00 -35.58
C TRP B 261 -3.00 12.78 -36.70
N GLY B 262 -2.60 13.05 -37.95
CA GLY B 262 -3.35 12.70 -39.15
C GLY B 262 -3.77 11.23 -39.19
N LEU B 263 -2.76 10.39 -39.00
CA LEU B 263 -2.92 8.98 -38.94
C LEU B 263 -3.96 8.68 -37.89
N VAL B 264 -3.93 9.39 -36.74
CA VAL B 264 -4.79 8.96 -35.62
C VAL B 264 -6.23 9.31 -35.91
N THR B 265 -6.45 10.60 -36.24
CA THR B 265 -7.77 11.10 -36.69
C THR B 265 -8.36 10.36 -37.92
N ARG B 266 -7.60 10.18 -39.01
CA ARG B 266 -8.18 9.48 -40.16
C ARG B 266 -8.62 8.01 -39.91
N TYR B 267 -7.85 7.34 -39.08
CA TYR B 267 -8.15 5.99 -38.73
C TYR B 267 -9.34 5.91 -37.81
N TYR B 268 -9.40 6.81 -36.87
CA TYR B 268 -10.49 6.79 -35.87
C TYR B 268 -11.80 7.17 -36.51
N GLU B 269 -11.81 8.26 -37.34
CA GLU B 269 -13.04 8.65 -38.07
C GLU B 269 -13.56 7.50 -38.99
N ALA B 270 -12.67 6.93 -39.82
CA ALA B 270 -12.98 5.84 -40.80
C ALA B 270 -13.52 4.54 -40.23
N TYR B 271 -12.92 4.06 -39.13
CA TYR B 271 -13.11 2.66 -38.69
C TYR B 271 -13.63 2.40 -37.25
N LEU B 272 -13.40 3.35 -36.33
CA LEU B 272 -13.73 3.23 -34.93
C LEU B 272 -14.81 4.20 -34.40
N SER B 273 -15.11 5.23 -35.18
CA SER B 273 -15.98 6.37 -34.81
C SER B 273 -17.41 6.03 -34.44
N HIS B 274 -18.03 5.08 -35.12
CA HIS B 274 -19.45 4.81 -34.88
C HIS B 274 -19.78 3.71 -33.84
N ALA B 275 -18.77 3.05 -33.27
CA ALA B 275 -19.02 1.91 -32.36
C ALA B 275 -19.55 2.26 -30.96
N ASP B 276 -20.45 1.45 -30.46
CA ASP B 276 -20.88 1.53 -29.06
C ASP B 276 -19.78 1.17 -28.01
N GLU B 277 -18.74 0.47 -28.43
CA GLU B 277 -17.66 0.14 -27.54
C GLU B 277 -16.51 -0.13 -28.44
N LYS B 278 -15.30 0.30 -28.06
CA LYS B 278 -14.08 -0.01 -28.80
C LYS B 278 -13.22 -0.92 -27.96
N ILE B 279 -12.69 -2.02 -28.51
CA ILE B 279 -11.80 -2.91 -27.80
C ILE B 279 -10.47 -2.85 -28.47
N GLY B 280 -9.40 -2.82 -27.70
CA GLY B 280 -8.04 -2.70 -28.20
C GLY B 280 -7.35 -4.00 -27.80
N ILE B 281 -6.61 -4.57 -28.76
CA ILE B 281 -5.91 -5.82 -28.55
C ILE B 281 -4.57 -5.60 -29.11
N GLN B 282 -3.61 -5.40 -28.21
CA GLN B 282 -2.27 -5.07 -28.55
C GLN B 282 -1.52 -6.39 -28.52
N VAL B 283 -0.94 -6.75 -29.66
CA VAL B 283 -0.38 -8.09 -29.89
C VAL B 283 1.07 -7.92 -30.23
N LYS B 284 1.83 -8.56 -29.39
CA LYS B 284 3.23 -8.68 -29.57
C LYS B 284 3.55 -10.10 -29.18
N VAL B 285 4.35 -10.68 -30.05
CA VAL B 285 4.81 -12.02 -29.94
C VAL B 285 6.36 -12.04 -29.86
N PHE B 286 6.92 -12.56 -28.77
CA PHE B 286 8.39 -12.67 -28.63
C PHE B 286 8.86 -13.98 -29.18
N ASP B 287 9.15 -14.03 -30.48
CA ASP B 287 9.58 -15.30 -31.13
C ASP B 287 10.37 -15.04 -32.40
N GLU B 288 11.36 -15.90 -32.67
CA GLU B 288 12.13 -15.94 -33.95
C GLU B 288 11.22 -16.03 -35.22
N ASP B 289 10.51 -17.17 -35.42
CA ASP B 289 9.50 -17.33 -36.51
C ASP B 289 8.41 -16.19 -36.38
N PRO B 290 8.08 -15.48 -37.49
CA PRO B 290 7.00 -14.49 -37.41
C PRO B 290 5.59 -15.08 -37.21
N GLY B 291 5.39 -16.33 -37.65
CA GLY B 291 4.09 -17.01 -37.45
C GLY B 291 3.12 -16.68 -38.58
N PRO B 292 1.84 -16.44 -38.30
CA PRO B 292 1.25 -16.36 -36.95
C PRO B 292 1.18 -17.72 -36.20
N PHE B 293 0.69 -17.72 -34.96
CA PHE B 293 0.69 -18.96 -34.12
C PHE B 293 -0.68 -19.33 -33.67
N GLN B 294 -1.04 -20.58 -33.77
CA GLN B 294 -2.37 -20.89 -33.30
C GLN B 294 -2.58 -20.62 -31.79
N HIS B 295 -1.54 -20.84 -30.99
CA HIS B 295 -1.67 -20.73 -29.55
C HIS B 295 -1.98 -19.29 -29.13
N VAL B 296 -1.40 -18.32 -29.84
CA VAL B 296 -1.65 -16.90 -29.64
C VAL B 296 -3.11 -16.57 -30.02
N MET B 297 -3.57 -17.00 -31.19
CA MET B 297 -5.02 -16.87 -31.54
C MET B 297 -5.99 -17.54 -30.51
N ASP B 298 -5.62 -18.69 -30.01
CA ASP B 298 -6.48 -19.31 -28.95
C ASP B 298 -6.51 -18.47 -27.66
N GLN B 299 -5.33 -18.02 -27.25
CA GLN B 299 -5.15 -17.17 -26.06
C GLN B 299 -6.09 -16.00 -26.19
N ILE B 300 -6.07 -15.27 -27.37
CA ILE B 300 -6.84 -14.10 -27.58
C ILE B 300 -8.30 -14.35 -27.53
N SER B 301 -8.75 -15.34 -28.28
CA SER B 301 -10.10 -15.86 -28.16
C SER B 301 -10.51 -16.13 -26.71
N SER B 302 -9.69 -16.84 -25.94
N SER B 302 -9.69 -16.83 -25.96
CA SER B 302 -10.06 -17.20 -24.54
CA SER B 302 -10.03 -17.21 -24.58
C SER B 302 -10.08 -15.99 -23.62
C SER B 302 -10.04 -16.03 -23.62
N CYS B 303 -9.11 -15.10 -23.82
CA CYS B 303 -9.02 -13.94 -22.97
C CYS B 303 -10.27 -13.09 -23.12
N THR B 304 -10.54 -12.68 -24.36
CA THR B 304 -11.64 -11.80 -24.70
C THR B 304 -12.95 -12.37 -24.38
N GLN B 305 -13.17 -13.66 -24.64
CA GLN B 305 -14.45 -14.26 -24.26
C GLN B 305 -14.60 -14.56 -22.78
N LYS B 306 -13.54 -14.98 -22.10
CA LYS B 306 -13.67 -15.32 -20.66
C LYS B 306 -13.79 -13.98 -19.93
N GLU B 307 -13.18 -12.91 -20.44
CA GLU B 307 -13.37 -11.56 -19.73
C GLU B 307 -14.65 -10.78 -20.08
N LYS B 308 -15.53 -11.43 -20.87
CA LYS B 308 -16.74 -10.82 -21.41
C LYS B 308 -16.52 -9.59 -22.33
N LEU B 309 -15.31 -9.46 -22.88
CA LEU B 309 -15.00 -8.33 -23.79
C LEU B 309 -15.63 -8.58 -25.14
N LEU B 310 -15.50 -9.78 -25.64
CA LEU B 310 -16.18 -10.17 -26.86
C LEU B 310 -16.97 -11.43 -26.63
N PRO B 311 -18.02 -11.64 -27.45
CA PRO B 311 -18.90 -12.78 -27.20
C PRO B 311 -18.43 -14.03 -27.91
N GLU B 312 -19.01 -15.15 -27.54
CA GLU B 312 -18.81 -16.35 -28.29
C GLU B 312 -19.57 -16.35 -29.57
N VAL B 313 -19.18 -17.28 -30.43
CA VAL B 313 -19.98 -17.54 -31.65
C VAL B 313 -20.79 -18.78 -31.54
N ASP B 314 -22.09 -18.69 -31.83
CA ASP B 314 -22.94 -19.90 -32.07
C ASP B 314 -22.56 -20.54 -33.41
N THR B 315 -21.71 -21.54 -33.33
CA THR B 315 -21.24 -22.22 -34.53
C THR B 315 -22.18 -23.41 -35.00
N LEU B 316 -23.40 -23.50 -34.45
CA LEU B 316 -24.41 -24.51 -34.80
C LEU B 316 -25.84 -24.06 -34.39
N VAL B 317 -26.37 -23.03 -35.02
CA VAL B 317 -27.74 -22.60 -34.72
C VAL B 317 -28.68 -23.62 -35.36
N THR B 325 -32.54 -3.61 -32.36
CA THR B 325 -31.22 -2.98 -32.24
C THR B 325 -30.22 -3.66 -31.22
N PRO B 326 -28.91 -3.81 -31.60
CA PRO B 326 -27.91 -4.31 -30.64
C PRO B 326 -26.60 -3.51 -30.68
N LYS B 327 -25.59 -3.99 -29.94
CA LYS B 327 -24.35 -3.25 -29.77
C LYS B 327 -23.43 -3.53 -30.95
N HIS B 328 -22.79 -2.47 -31.42
CA HIS B 328 -21.78 -2.50 -32.45
C HIS B 328 -20.49 -2.36 -31.68
N LYS B 329 -19.54 -3.26 -31.90
CA LYS B 329 -18.34 -3.26 -31.15
C LYS B 329 -17.25 -3.31 -32.08
N ALA B 330 -16.34 -2.36 -31.95
CA ALA B 330 -15.20 -2.33 -32.82
C ALA B 330 -13.92 -2.78 -32.09
N VAL B 331 -13.17 -3.72 -32.69
CA VAL B 331 -11.96 -4.26 -32.15
C VAL B 331 -10.85 -3.65 -32.91
N LEU B 332 -9.95 -2.92 -32.23
CA LEU B 332 -8.67 -2.53 -32.83
C LEU B 332 -7.57 -3.49 -32.40
N VAL B 333 -6.92 -4.16 -33.37
CA VAL B 333 -5.85 -5.13 -33.14
C VAL B 333 -4.58 -4.53 -33.69
N THR B 334 -3.48 -4.49 -32.96
CA THR B 334 -2.24 -3.91 -33.49
C THR B 334 -1.26 -4.97 -33.36
N SER B 335 -0.48 -5.09 -34.40
CA SER B 335 0.43 -6.16 -34.50
C SER B 335 1.31 -6.00 -35.68
N LEU B 336 2.38 -6.80 -35.64
CA LEU B 336 3.31 -6.80 -36.67
C LEU B 336 2.90 -7.80 -37.71
N ASN B 337 2.02 -8.77 -37.37
CA ASN B 337 1.42 -9.73 -38.32
C ASN B 337 -0.11 -9.57 -38.27
N ALA B 338 -0.71 -9.69 -39.43
CA ALA B 338 -2.18 -9.54 -39.62
C ALA B 338 -2.92 -10.84 -39.34
N GLY B 339 -2.17 -11.95 -39.20
CA GLY B 339 -2.72 -13.23 -38.79
C GLY B 339 -3.75 -13.22 -37.67
N TYR B 340 -3.56 -12.35 -36.69
CA TYR B 340 -4.38 -12.39 -35.49
C TYR B 340 -5.68 -11.62 -35.66
N ALA B 341 -5.66 -10.50 -36.39
CA ALA B 341 -6.93 -9.81 -36.76
C ALA B 341 -7.69 -10.64 -37.76
N GLU B 342 -6.95 -11.11 -38.76
CA GLU B 342 -7.55 -11.92 -39.81
C GLU B 342 -8.34 -13.10 -39.23
N ASN B 343 -7.83 -13.72 -38.17
CA ASN B 343 -8.54 -14.79 -37.53
C ASN B 343 -9.83 -14.36 -36.82
N LEU B 344 -9.77 -13.31 -36.02
CA LEU B 344 -10.94 -12.77 -35.33
C LEU B 344 -11.96 -12.29 -36.31
N LYS B 345 -11.50 -11.48 -37.26
CA LYS B 345 -12.36 -10.85 -38.30
C LYS B 345 -13.20 -11.88 -39.04
N SER B 346 -12.54 -12.99 -39.33
CA SER B 346 -13.17 -14.02 -40.05
C SER B 346 -14.02 -14.91 -39.14
N MET B 347 -13.72 -14.97 -37.85
CA MET B 347 -14.56 -15.78 -36.95
C MET B 347 -15.88 -14.99 -36.84
N TYR B 348 -15.84 -13.67 -36.66
CA TYR B 348 -17.09 -12.90 -36.50
C TYR B 348 -17.93 -12.70 -37.77
N TRP B 349 -17.35 -13.08 -38.91
CA TRP B 349 -18.00 -12.99 -40.22
C TRP B 349 -18.74 -14.24 -40.51
N GLU B 350 -18.01 -15.35 -40.39
CA GLU B 350 -18.53 -16.71 -40.62
C GLU B 350 -19.59 -17.18 -39.70
N TYR B 351 -19.66 -16.60 -38.50
CA TYR B 351 -20.58 -17.11 -37.45
C TYR B 351 -21.35 -16.03 -36.73
N PRO B 352 -22.62 -16.31 -36.44
CA PRO B 352 -23.38 -15.41 -35.60
C PRO B 352 -22.86 -15.41 -34.14
N THR B 353 -22.91 -14.23 -33.51
CA THR B 353 -22.52 -14.14 -32.12
C THR B 353 -23.60 -14.69 -31.24
N SER B 354 -23.24 -15.24 -30.11
CA SER B 354 -24.27 -15.80 -29.23
C SER B 354 -25.26 -14.78 -28.71
N THR B 355 -24.76 -13.57 -28.55
CA THR B 355 -25.55 -12.47 -27.94
C THR B 355 -26.21 -11.50 -28.92
N GLY B 356 -25.99 -11.66 -30.24
CA GLY B 356 -26.53 -10.71 -31.25
C GLY B 356 -25.66 -9.51 -31.58
N GLU B 357 -24.60 -9.32 -30.82
CA GLU B 357 -23.75 -8.17 -31.02
C GLU B 357 -23.23 -8.21 -32.44
N ILE B 358 -22.84 -7.04 -32.92
CA ILE B 358 -22.22 -6.85 -34.19
C ILE B 358 -20.79 -6.51 -33.93
N ILE B 359 -19.86 -7.25 -34.52
CA ILE B 359 -18.45 -7.16 -34.21
C ILE B 359 -17.65 -6.85 -35.47
N GLY B 360 -16.98 -5.71 -35.48
CA GLY B 360 -15.99 -5.40 -36.52
C GLY B 360 -14.54 -5.43 -36.08
N VAL B 361 -13.62 -5.83 -36.95
CA VAL B 361 -12.24 -6.07 -36.59
C VAL B 361 -11.34 -5.39 -37.56
N HIS B 362 -10.51 -4.47 -37.05
CA HIS B 362 -9.76 -3.50 -37.87
C HIS B 362 -8.32 -3.47 -37.41
N GLN B 363 -7.39 -3.66 -38.31
CA GLN B 363 -6.01 -3.62 -38.02
C GLN B 363 -5.37 -2.53 -38.94
N PRO B 364 -4.63 -1.57 -38.35
CA PRO B 364 -4.24 -0.50 -39.24
C PRO B 364 -3.09 -0.92 -40.18
N SER B 365 -2.08 -1.56 -39.61
CA SER B 365 -0.82 -1.81 -40.29
C SER B 365 -0.36 -3.24 -40.08
N GLN B 366 0.54 -3.65 -40.95
CA GLN B 366 1.16 -4.93 -40.79
C GLN B 366 2.62 -4.82 -41.23
N GLU B 367 3.42 -4.19 -40.37
CA GLU B 367 4.83 -3.84 -40.71
C GLU B 367 5.74 -5.09 -40.73
N GLY B 368 5.69 -5.95 -39.72
CA GLY B 368 6.65 -7.06 -39.58
C GLY B 368 8.01 -6.56 -39.14
N MET B 376 7.77 8.11 -41.19
CA MET B 376 6.45 7.47 -41.38
C MET B 376 6.26 6.06 -40.75
N HIS B 377 7.36 5.33 -40.44
CA HIS B 377 7.32 3.99 -39.75
C HIS B 377 7.10 4.10 -38.22
N ASN B 378 7.91 4.95 -37.56
CA ASN B 378 7.69 5.32 -36.17
C ASN B 378 6.42 6.13 -36.01
N GLY B 379 6.15 6.97 -37.01
CA GLY B 379 4.87 7.71 -37.09
C GLY B 379 3.66 6.82 -36.89
N LYS B 380 3.66 5.67 -37.59
CA LYS B 380 2.55 4.76 -37.56
C LYS B 380 2.47 4.04 -36.22
N ALA B 381 3.64 3.63 -35.71
CA ALA B 381 3.76 3.02 -34.40
C ALA B 381 3.31 3.96 -33.34
N LEU B 382 3.66 5.26 -33.45
CA LEU B 382 3.12 6.21 -32.48
C LEU B 382 1.60 6.36 -32.61
N ALA B 383 1.08 6.39 -33.84
CA ALA B 383 -0.39 6.48 -34.04
C ALA B 383 -1.14 5.29 -33.46
N GLU B 384 -0.50 4.15 -33.50
CA GLU B 384 -1.15 2.93 -32.99
C GLU B 384 -1.16 2.85 -31.51
N MET B 385 -0.07 3.27 -30.90
CA MET B 385 -0.06 3.49 -29.45
C MET B 385 -1.21 4.38 -29.06
N TYR B 386 -1.39 5.47 -29.79
N TYR B 386 -1.39 5.41 -29.84
CA TYR B 386 -2.49 6.42 -29.52
CA TYR B 386 -2.40 6.37 -29.57
C TYR B 386 -3.88 5.84 -29.77
C TYR B 386 -3.84 5.91 -29.83
N LEU B 387 -4.05 5.14 -30.90
CA LEU B 387 -5.36 4.52 -31.21
C LEU B 387 -5.77 3.51 -30.14
N LEU B 388 -4.88 2.62 -29.72
CA LEU B 388 -5.21 1.73 -28.55
C LEU B 388 -5.68 2.53 -27.31
N SER B 389 -4.93 3.60 -26.98
CA SER B 389 -5.30 4.54 -25.91
C SER B 389 -6.74 5.10 -26.02
N LEU B 390 -7.34 5.07 -27.22
CA LEU B 390 -8.69 5.59 -27.40
C LEU B 390 -9.84 4.61 -27.17
N THR B 391 -9.49 3.39 -26.74
CA THR B 391 -10.45 2.30 -26.76
C THR B 391 -11.05 2.25 -25.39
N ASP B 392 -12.17 1.57 -25.22
CA ASP B 392 -12.83 1.49 -23.93
C ASP B 392 -12.21 0.47 -22.94
N ASN B 393 -11.81 -0.69 -23.49
CA ASN B 393 -11.13 -1.77 -22.83
C ASN B 393 -10.04 -2.23 -23.72
N LEU B 394 -8.89 -2.40 -23.12
CA LEU B 394 -7.68 -2.72 -23.81
C LEU B 394 -7.20 -4.06 -23.29
N VAL B 395 -6.77 -4.94 -24.21
CA VAL B 395 -5.98 -6.10 -23.92
C VAL B 395 -4.55 -5.79 -24.41
N THR B 396 -3.54 -6.20 -23.63
CA THR B 396 -2.12 -5.87 -23.91
C THR B 396 -1.34 -7.16 -23.89
N SER B 397 -0.17 -7.17 -24.50
CA SER B 397 0.73 -8.29 -24.42
C SER B 397 1.78 -8.21 -23.35
N ALA B 398 2.13 -9.40 -22.82
CA ALA B 398 3.04 -9.49 -21.70
C ALA B 398 4.34 -8.84 -22.12
N TRP B 399 4.93 -8.01 -21.27
CA TRP B 399 6.31 -7.48 -21.49
C TRP B 399 6.43 -6.40 -22.61
N SER B 400 5.29 -6.01 -23.21
CA SER B 400 5.32 -5.07 -24.33
C SER B 400 5.24 -3.61 -23.77
N THR B 401 6.23 -2.82 -24.09
CA THR B 401 6.19 -1.39 -23.81
C THR B 401 5.26 -0.61 -24.70
N PHE B 402 4.81 -1.19 -25.79
CA PHE B 402 3.82 -0.61 -26.68
C PHE B 402 2.49 -0.62 -25.96
N GLY B 403 2.15 -1.77 -25.34
CA GLY B 403 0.98 -1.83 -24.51
C GLY B 403 1.09 -0.76 -23.40
N TYR B 404 2.30 -0.57 -22.87
CA TYR B 404 2.46 0.16 -21.63
C TYR B 404 2.19 1.61 -21.92
N VAL B 405 2.73 2.12 -23.03
CA VAL B 405 2.45 3.48 -23.48
C VAL B 405 0.99 3.62 -23.75
N ALA B 406 0.42 2.63 -24.43
CA ALA B 406 -0.96 2.68 -24.77
C ALA B 406 -1.85 2.78 -23.57
N GLN B 407 -1.74 1.85 -22.58
CA GLN B 407 -2.58 1.93 -21.41
C GLN B 407 -2.35 3.24 -20.61
N GLY B 408 -1.09 3.72 -20.56
CA GLY B 408 -0.68 4.84 -19.78
C GLY B 408 -1.40 6.13 -20.21
N LEU B 409 -1.31 6.43 -21.52
CA LEU B 409 -1.97 7.48 -22.15
C LEU B 409 -3.48 7.52 -22.03
N GLY B 410 -4.07 6.33 -22.16
CA GLY B 410 -5.52 6.17 -22.06
C GLY B 410 -6.00 6.10 -20.64
N GLY B 411 -5.09 5.83 -19.71
CA GLY B 411 -5.43 5.63 -18.29
C GLY B 411 -6.26 4.42 -18.16
N LEU B 412 -5.79 3.37 -18.84
CA LEU B 412 -6.59 2.15 -19.01
C LEU B 412 -5.98 1.11 -18.13
N LYS B 413 -6.75 0.47 -17.27
CA LYS B 413 -6.21 -0.73 -16.61
C LYS B 413 -6.49 -1.87 -17.58
N PRO B 414 -5.45 -2.48 -18.17
CA PRO B 414 -5.65 -3.48 -19.16
C PRO B 414 -5.89 -4.90 -18.64
N TRP B 415 -6.10 -5.82 -19.60
CA TRP B 415 -6.14 -7.25 -19.42
C TRP B 415 -4.85 -7.81 -20.13
N ILE B 416 -3.99 -8.54 -19.40
CA ILE B 416 -2.65 -8.83 -19.88
C ILE B 416 -2.62 -10.30 -20.40
N LEU B 417 -2.20 -10.44 -21.65
CA LEU B 417 -1.97 -11.74 -22.21
C LEU B 417 -0.62 -12.17 -21.75
N TYR B 418 -0.58 -13.19 -20.87
CA TYR B 418 0.70 -13.57 -20.31
C TYR B 418 1.52 -14.15 -21.41
N ARG B 419 2.82 -14.12 -21.18
CA ARG B 419 3.76 -14.62 -22.09
C ARG B 419 3.68 -16.14 -22.15
N PRO B 420 3.32 -16.67 -23.33
CA PRO B 420 3.36 -18.10 -23.50
C PRO B 420 4.76 -18.58 -23.43
N GLU B 421 4.94 -19.86 -23.23
CA GLU B 421 6.27 -20.39 -23.38
C GLU B 421 6.02 -21.72 -24.06
N ASN B 422 7.02 -22.21 -24.79
CA ASN B 422 6.93 -23.54 -25.43
C ASN B 422 5.67 -23.63 -26.33
N ARG B 423 5.35 -22.53 -27.01
CA ARG B 423 4.22 -22.42 -27.93
C ARG B 423 2.89 -22.93 -27.38
N THR B 424 2.59 -22.62 -26.14
CA THR B 424 1.48 -23.25 -25.45
C THR B 424 0.59 -22.19 -24.95
N THR B 425 -0.70 -22.35 -25.15
CA THR B 425 -1.61 -21.36 -24.71
C THR B 425 -1.54 -21.34 -23.20
N PRO B 426 -1.16 -20.21 -22.59
CA PRO B 426 -1.19 -20.15 -21.13
C PRO B 426 -2.59 -20.29 -20.58
N ASP B 427 -2.72 -20.67 -19.32
CA ASP B 427 -4.01 -20.99 -18.65
C ASP B 427 -3.93 -20.69 -17.16
N PRO B 428 -4.54 -19.61 -16.66
CA PRO B 428 -5.38 -18.69 -17.43
C PRO B 428 -4.62 -17.96 -18.53
N SER B 429 -5.32 -17.67 -19.63
CA SER B 429 -4.78 -16.94 -20.82
C SER B 429 -4.37 -15.54 -20.54
N CYS B 430 -5.20 -14.87 -19.74
CA CYS B 430 -4.99 -13.48 -19.39
C CYS B 430 -5.59 -13.16 -18.01
N GLY B 431 -5.22 -12.01 -17.43
CA GLY B 431 -5.82 -11.52 -16.21
C GLY B 431 -5.79 -9.97 -16.16
N ARG B 432 -6.63 -9.45 -15.28
CA ARG B 432 -6.59 -8.03 -15.06
C ARG B 432 -5.22 -7.51 -14.55
N ALA B 433 -4.78 -6.38 -15.12
CA ALA B 433 -3.70 -5.62 -14.51
C ALA B 433 -4.08 -5.10 -13.11
N MET B 434 -3.11 -5.10 -12.23
CA MET B 434 -3.21 -4.50 -10.94
C MET B 434 -3.47 -2.97 -10.97
N SER B 435 -2.80 -2.33 -11.95
CA SER B 435 -2.99 -0.97 -12.24
C SER B 435 -2.56 -0.62 -13.68
N MET B 436 -2.82 0.65 -14.03
N MET B 436 -2.81 0.65 -14.03
CA MET B 436 -2.55 1.15 -15.35
CA MET B 436 -2.55 1.12 -15.36
C MET B 436 -1.10 1.44 -15.63
C MET B 436 -1.11 1.46 -15.62
N GLU B 437 -0.20 1.31 -14.69
CA GLU B 437 1.16 1.89 -14.83
C GLU B 437 2.02 0.84 -15.52
N PRO B 438 3.13 1.29 -16.11
CA PRO B 438 4.09 0.44 -16.76
C PRO B 438 4.96 -0.28 -15.80
N CYS B 439 5.91 -1.03 -16.34
CA CYS B 439 6.65 -1.95 -15.51
C CYS B 439 8.09 -1.60 -15.76
N PHE B 440 8.86 -1.77 -14.69
CA PHE B 440 10.31 -1.57 -14.69
C PHE B 440 10.87 -2.93 -14.88
N HIS B 441 11.54 -3.21 -16.00
CA HIS B 441 11.95 -4.62 -16.27
C HIS B 441 13.25 -5.06 -15.59
N SER B 442 14.12 -4.08 -15.28
CA SER B 442 15.40 -4.32 -14.61
C SER B 442 15.53 -3.58 -13.29
N PRO B 443 14.70 -3.93 -12.30
CA PRO B 443 14.89 -3.24 -11.01
C PRO B 443 16.13 -3.69 -10.26
N PRO B 444 16.62 -2.84 -9.32
CA PRO B 444 17.72 -3.18 -8.48
C PRO B 444 17.19 -4.08 -7.39
N PHE B 445 18.07 -4.93 -6.86
N PHE B 445 18.13 -4.84 -6.81
CA PHE B 445 17.70 -5.79 -5.74
CA PHE B 445 17.90 -5.88 -5.84
C PHE B 445 18.77 -5.57 -4.68
C PHE B 445 18.84 -5.57 -4.66
N TYR B 446 18.57 -4.51 -3.89
CA TYR B 446 19.58 -4.03 -2.92
C TYR B 446 19.02 -3.17 -1.78
N ASP B 447 19.37 -3.58 -0.55
CA ASP B 447 19.12 -2.76 0.63
C ASP B 447 20.26 -1.80 0.74
N CYS B 448 19.98 -0.54 0.54
CA CYS B 448 21.03 0.48 0.48
C CYS B 448 21.59 0.74 1.89
N LYS B 449 20.70 0.72 2.90
CA LYS B 449 21.11 0.84 4.33
C LYS B 449 21.98 -0.35 4.76
N ALA B 450 21.49 -1.56 4.52
CA ALA B 450 22.14 -2.78 5.06
C ALA B 450 23.21 -3.33 4.13
N LYS B 451 23.35 -2.73 2.96
CA LYS B 451 24.40 -3.13 2.03
C LYS B 451 24.37 -4.64 1.72
N THR B 452 23.16 -5.15 1.49
CA THR B 452 22.95 -6.51 1.07
C THR B 452 21.80 -6.64 0.06
N GLY B 453 21.77 -7.79 -0.62
CA GLY B 453 20.67 -8.14 -1.46
C GLY B 453 19.34 -8.16 -0.74
N ILE B 454 18.35 -7.60 -1.41
CA ILE B 454 16.96 -7.68 -0.98
C ILE B 454 16.04 -7.70 -2.22
N ASP B 455 14.84 -8.26 -2.01
CA ASP B 455 13.80 -8.19 -2.97
C ASP B 455 12.90 -7.01 -2.61
N THR B 456 12.90 -6.04 -3.50
CA THR B 456 12.27 -4.73 -3.36
C THR B 456 10.78 -4.62 -3.75
N GLY B 457 10.19 -5.72 -4.24
CA GLY B 457 8.75 -5.79 -4.43
C GLY B 457 8.01 -6.18 -3.16
N THR B 458 8.75 -6.63 -2.12
CA THR B 458 8.16 -6.95 -0.81
C THR B 458 8.40 -5.93 0.33
N LEU B 459 8.73 -4.68 -0.01
CA LEU B 459 9.03 -3.64 0.97
C LEU B 459 7.81 -2.81 1.39
N VAL B 460 7.18 -2.22 0.36
CA VAL B 460 6.02 -1.33 0.58
C VAL B 460 4.88 -1.79 -0.26
N PRO B 461 3.62 -1.77 0.24
CA PRO B 461 2.40 -2.27 -0.42
C PRO B 461 2.08 -1.70 -1.81
N HIS B 462 2.70 -0.58 -2.12
CA HIS B 462 2.48 0.13 -3.39
C HIS B 462 3.54 -0.08 -4.46
N VAL B 463 4.62 -0.80 -4.17
CA VAL B 463 5.62 -1.18 -5.18
C VAL B 463 5.56 -2.70 -5.19
N ARG B 464 5.18 -3.31 -6.30
CA ARG B 464 4.76 -4.73 -6.33
C ARG B 464 5.33 -5.34 -7.56
N HIS B 465 5.49 -6.65 -7.57
CA HIS B 465 5.98 -7.36 -8.78
C HIS B 465 4.95 -7.32 -9.83
N CYS B 466 5.31 -6.72 -10.96
CA CYS B 466 4.52 -6.78 -12.20
C CYS B 466 3.92 -8.19 -12.51
N GLU B 467 2.81 -8.13 -13.24
CA GLU B 467 1.88 -9.22 -13.57
C GLU B 467 2.41 -10.07 -14.70
N ASP B 468 3.16 -9.43 -15.57
CA ASP B 468 3.61 -10.03 -16.85
C ASP B 468 5.01 -10.55 -16.74
N ILE B 469 5.72 -10.14 -15.70
CA ILE B 469 7.15 -10.41 -15.59
C ILE B 469 7.49 -10.34 -14.10
N SER B 470 7.69 -11.55 -13.57
CA SER B 470 7.71 -11.82 -12.14
C SER B 470 8.82 -11.08 -11.37
N TRP B 471 9.93 -10.79 -12.04
CA TRP B 471 11.00 -9.98 -11.43
C TRP B 471 10.89 -8.45 -11.61
N GLY B 472 10.10 -7.92 -12.53
CA GLY B 472 9.99 -6.49 -12.66
C GLY B 472 9.13 -5.87 -11.58
N LEU B 473 9.26 -4.53 -11.37
CA LEU B 473 8.39 -3.79 -10.44
C LEU B 473 7.43 -2.77 -11.09
N LYS B 474 6.27 -2.61 -10.47
CA LYS B 474 5.44 -1.47 -10.75
C LYS B 474 4.65 -0.92 -9.57
N LEU B 475 4.13 0.27 -9.78
CA LEU B 475 3.37 0.99 -8.80
C LEU B 475 1.99 0.50 -8.89
N VAL B 476 1.21 0.72 -7.85
CA VAL B 476 -0.10 0.16 -7.71
C VAL B 476 -0.79 1.01 -6.65
#